data_7U62
#
_entry.id   7U62
#
_cell.length_a   58.792
_cell.length_b   97.179
_cell.length_c   76.132
_cell.angle_alpha   90.000
_cell.angle_beta   91.230
_cell.angle_gamma   90.000
#
_symmetry.space_group_name_H-M   'P 1 21 1'
#
loop_
_entity.id
_entity.type
_entity.pdbx_description
1 polymer 'HY4-1F9 Fab Heavy Chain'
2 polymer 'HY4-1F9 Fab Light Chain'
3 non-polymer (7R,7AS,12BS)-3-METHYL-2,3,4,4A,7,7A-HEXAHYDRO-1H-4,12-METHANO[1]BENZOFURO[3,2-E]ISOQUINOLINE-7,9-DIOL
4 non-polymer 'ACETATE ION'
5 water water
#
loop_
_entity_poly.entity_id
_entity_poly.type
_entity_poly.pdbx_seq_one_letter_code
_entity_poly.pdbx_strand_id
1 'polypeptide(L)'
;EVKFLESGGGLVQPGGSLKLSCAASGFDFSRYWMSWVRQAPGKGLEWIGEINPDSRTIYCTPSLKDRFIISRDNAKNTLY
LQMSKVRSEDTALYYCARIWIYYGFDAYVMDYWGPGTSVTVSSAKTTPPSVYPLAPGSAAQTNSMVTLGCLVKGYFPEPV
TVTWNSGSLSSGVHTFPAVLQSDLYTLSSSVTVPSSVWPSETVTCNVAHPASSTKVDKKIVPRD
;
H,I
2 'polypeptide(L)'
;QAVVTQESALTTSPGETVTLTCRSSTGAVTTSNYANWVQEKPDHLFTGLIGGTNNRAPGVPARFSGSLIGDKAALTITGA
QTEDEAIYFCALWYSNHLVFGGGTKLTVLGQPKSSPSVTLFPPSSEELETNKATLVCTITDFYPGVVTVDWKVDGTPVTQ
GMETTQPSKQSNNKYMASSYLTLTARAWERHSSYSCQVTHEGHTVEKSLSRE
;
L,M
#
loop_
_chem_comp.id
_chem_comp.type
_chem_comp.name
_chem_comp.formula
ACT non-polymer 'ACETATE ION' 'C2 H3 O2 -1'
MOI non-polymer (7R,7AS,12BS)-3-METHYL-2,3,4,4A,7,7A-HEXAHYDRO-1H-4,12-METHANO[1]BENZOFURO[3,2-E]ISOQUINOLINE-7,9-DIOL 'C17 H19 N O3'
#
# COMPACT_ATOMS: atom_id res chain seq x y z
N GLU A 1 -6.40 8.50 45.58
CA GLU A 1 -5.99 8.78 44.18
C GLU A 1 -4.65 8.10 43.88
N VAL A 2 -4.63 7.16 42.92
CA VAL A 2 -3.35 6.62 42.46
C VAL A 2 -2.56 7.74 41.79
N LYS A 3 -1.33 7.95 42.25
CA LYS A 3 -0.52 9.09 41.83
C LYS A 3 0.94 8.67 41.79
N PHE A 4 1.67 9.19 40.81
CA PHE A 4 3.10 8.95 40.65
C PHE A 4 3.80 10.28 40.47
N LEU A 5 5.05 10.34 40.93
CA LEU A 5 5.91 11.48 40.66
C LEU A 5 7.33 10.98 40.43
N GLU A 6 7.85 11.23 39.22
CA GLU A 6 9.22 10.88 38.86
C GLU A 6 10.18 12.03 39.19
N SER A 7 11.45 11.69 39.44
CA SER A 7 12.48 12.68 39.65
C SER A 7 13.84 12.07 39.34
N GLY A 8 14.86 12.94 39.29
CA GLY A 8 16.23 12.52 39.05
C GLY A 8 16.72 12.79 37.64
N GLY A 9 15.89 13.36 36.78
CA GLY A 9 16.29 13.67 35.44
C GLY A 9 17.15 14.92 35.40
N GLY A 10 17.53 15.28 34.19
CA GLY A 10 18.29 16.48 33.96
C GLY A 10 19.31 16.26 32.87
N LEU A 11 20.26 17.17 32.83
CA LEU A 11 21.32 17.16 31.82
C LEU A 11 22.49 16.34 32.35
N VAL A 12 22.96 15.41 31.55
CA VAL A 12 24.09 14.55 31.89
C VAL A 12 25.03 14.48 30.68
N GLN A 13 26.33 14.37 30.96
CA GLN A 13 27.32 14.22 29.88
C GLN A 13 27.24 12.82 29.27
N PRO A 14 27.61 12.68 28.00
CA PRO A 14 27.77 11.33 27.44
C PRO A 14 28.80 10.54 28.25
N GLY A 15 28.50 9.27 28.47
CA GLY A 15 29.28 8.45 29.39
C GLY A 15 29.02 8.68 30.86
N GLY A 16 28.11 9.59 31.21
CA GLY A 16 27.76 9.84 32.59
C GLY A 16 26.73 8.85 33.10
N SER A 17 26.23 9.13 34.29
CA SER A 17 25.25 8.26 34.93
C SER A 17 24.22 9.05 35.71
N LEU A 18 23.07 8.42 35.92
CA LEU A 18 22.04 9.01 36.77
C LEU A 18 21.07 7.93 37.21
N LYS A 19 20.34 8.25 38.27
CA LYS A 19 19.35 7.36 38.84
C LYS A 19 18.02 8.09 38.88
N LEU A 20 17.03 7.54 38.17
CA LEU A 20 15.68 8.06 38.22
C LEU A 20 14.88 7.36 39.31
N SER A 21 13.95 8.12 39.89
CA SER A 21 13.05 7.63 40.92
C SER A 21 11.61 7.89 40.52
N CYS A 22 10.74 6.94 40.84
CA CYS A 22 9.30 7.06 40.62
C CYS A 22 8.61 6.74 41.95
N ALA A 23 8.09 7.78 42.62
CA ALA A 23 7.40 7.60 43.88
C ALA A 23 5.91 7.35 43.65
N ALA A 24 5.39 6.31 44.29
CA ALA A 24 3.99 5.89 44.09
C ALA A 24 3.16 6.21 45.32
N SER A 25 2.03 6.86 45.12
CA SER A 25 1.08 7.13 46.20
C SER A 25 -0.30 6.60 45.86
N GLY A 26 -1.09 6.31 46.90
CA GLY A 26 -2.50 6.03 46.73
C GLY A 26 -2.87 4.57 46.54
N PHE A 27 -1.92 3.65 46.65
CA PHE A 27 -2.20 2.22 46.52
C PHE A 27 -1.08 1.48 47.22
N ASP A 28 -1.25 0.18 47.41
CA ASP A 28 -0.24 -0.65 48.06
C ASP A 28 0.78 -1.10 47.01
N PHE A 29 1.80 -0.25 46.84
CA PHE A 29 2.84 -0.45 45.83
C PHE A 29 3.47 -1.84 45.88
N SER A 30 3.61 -2.40 47.08
CA SER A 30 4.21 -3.72 47.21
C SER A 30 3.39 -4.84 46.58
N ARG A 31 2.20 -4.56 46.05
CA ARG A 31 1.39 -5.61 45.45
C ARG A 31 1.39 -5.57 43.92
N TYR A 32 2.12 -4.65 43.30
CA TYR A 32 2.02 -4.43 41.86
C TYR A 32 3.36 -4.51 41.13
N TRP A 33 3.32 -5.16 39.97
CA TRP A 33 4.37 -4.96 38.98
C TRP A 33 4.40 -3.48 38.59
N MET A 34 5.59 -2.99 38.26
CA MET A 34 5.87 -1.62 37.85
C MET A 34 6.78 -1.62 36.62
N SER A 35 6.55 -0.68 35.72
CA SER A 35 7.30 -0.63 34.47
C SER A 35 7.87 0.76 34.20
N TRP A 36 8.90 0.77 33.37
CA TRP A 36 9.57 1.96 32.83
C TRP A 36 9.38 1.99 31.32
N VAL A 37 9.05 3.17 30.80
CA VAL A 37 8.81 3.43 29.38
C VAL A 37 9.43 4.79 29.10
N ARG A 38 9.95 4.99 27.90
CA ARG A 38 10.46 6.30 27.54
C ARG A 38 9.97 6.75 26.17
N GLN A 39 10.20 8.05 25.91
CA GLN A 39 9.74 8.71 24.70
C GLN A 39 10.76 9.77 24.30
N ALA A 40 11.52 9.51 23.23
CA ALA A 40 12.46 10.49 22.70
C ALA A 40 11.72 11.62 22.01
N PRO A 41 12.34 12.79 21.90
CA PRO A 41 11.61 13.96 21.37
C PRO A 41 11.05 13.68 19.97
N GLY A 42 9.79 14.05 19.78
CA GLY A 42 9.11 13.86 18.53
C GLY A 42 8.74 12.42 18.18
N LYS A 43 9.00 11.47 19.07
CA LYS A 43 8.86 10.06 18.72
C LYS A 43 7.85 9.37 19.63
N GLY A 44 7.69 8.06 19.40
CA GLY A 44 6.74 7.26 20.14
C GLY A 44 7.34 6.60 21.37
N LEU A 45 6.53 5.76 22.00
CA LEU A 45 6.90 5.05 23.22
C LEU A 45 7.88 3.92 22.94
N GLU A 46 8.85 3.76 23.83
CA GLU A 46 9.76 2.62 23.84
C GLU A 46 9.77 1.99 25.23
N TRP A 47 9.44 0.72 25.30
CA TRP A 47 9.47 0.05 26.60
C TRP A 47 10.90 -0.20 27.05
N ILE A 48 11.11 -0.07 28.35
CA ILE A 48 12.40 -0.32 28.96
C ILE A 48 12.39 -1.64 29.72
N GLY A 49 11.43 -1.80 30.63
CA GLY A 49 11.33 -3.04 31.38
C GLY A 49 10.32 -2.92 32.50
N GLU A 50 10.21 -4.00 33.27
CA GLU A 50 9.27 -4.10 34.37
C GLU A 50 9.83 -5.03 35.43
N ILE A 51 9.27 -4.91 36.63
CA ILE A 51 9.80 -5.63 37.80
C ILE A 51 8.62 -6.02 38.68
N ASN A 52 8.62 -7.26 39.13
CA ASN A 52 7.53 -7.75 39.96
C ASN A 52 7.71 -7.32 41.41
N PRO A 53 6.70 -7.56 42.23
CA PRO A 53 6.70 -6.98 43.59
C PRO A 53 7.89 -7.38 44.45
N ASP A 54 8.33 -8.64 44.43
CA ASP A 54 9.44 -9.04 45.29
C ASP A 54 10.78 -9.01 44.55
N SER A 55 10.82 -8.43 43.36
CA SER A 55 12.00 -8.28 42.52
C SER A 55 12.60 -9.63 42.08
N ARG A 56 11.87 -10.73 42.24
CA ARG A 56 12.40 -12.01 41.75
C ARG A 56 12.42 -12.07 40.23
N THR A 57 11.61 -11.24 39.56
CA THR A 57 11.49 -11.27 38.11
C THR A 57 11.58 -9.86 37.54
N ILE A 58 12.51 -9.66 36.62
CA ILE A 58 12.66 -8.43 35.85
C ILE A 58 12.67 -8.82 34.38
N TYR A 59 11.83 -8.18 33.58
CA TYR A 59 11.89 -8.25 32.13
C TYR A 59 12.42 -6.92 31.60
N CYS A 60 13.21 -6.96 30.54
CA CYS A 60 13.86 -5.75 30.04
C CYS A 60 14.03 -5.89 28.53
N THR A 61 14.02 -4.74 27.85
CA THR A 61 14.33 -4.73 26.44
C THR A 61 15.81 -5.07 26.26
N PRO A 62 16.14 -6.03 25.40
CA PRO A 62 17.52 -6.55 25.37
C PRO A 62 18.57 -5.48 25.10
N SER A 63 18.26 -4.49 24.26
CA SER A 63 19.27 -3.52 23.89
C SER A 63 19.68 -2.62 25.05
N LEU A 64 18.95 -2.60 26.16
CA LEU A 64 19.22 -1.62 27.21
C LEU A 64 19.72 -2.21 28.52
N LYS A 65 19.81 -3.53 28.63
CA LYS A 65 20.35 -4.13 29.85
C LYS A 65 21.81 -3.77 30.06
N ASP A 66 22.52 -3.40 28.99
CA ASP A 66 23.91 -2.98 29.13
C ASP A 66 24.05 -1.72 29.97
N ARG A 67 23.07 -0.83 29.89
CA ARG A 67 23.16 0.46 30.51
C ARG A 67 22.28 0.62 31.74
N PHE A 68 21.13 -0.05 31.78
CA PHE A 68 20.05 0.29 32.69
C PHE A 68 19.79 -0.82 33.70
N ILE A 69 19.59 -0.43 34.97
CA ILE A 69 19.23 -1.35 36.04
C ILE A 69 17.90 -0.91 36.65
N ILE A 70 16.91 -1.80 36.61
CA ILE A 70 15.61 -1.58 37.26
C ILE A 70 15.65 -2.17 38.67
N SER A 71 15.16 -1.41 39.64
CA SER A 71 15.05 -1.91 41.01
C SER A 71 13.88 -1.21 41.67
N ARG A 72 13.55 -1.65 42.89
CA ARG A 72 12.47 -1.05 43.65
C ARG A 72 12.76 -1.20 45.12
N ASP A 73 12.12 -0.34 45.92
CA ASP A 73 12.20 -0.43 47.38
C ASP A 73 10.79 -0.31 47.92
N ASN A 74 10.18 -1.46 48.26
CA ASN A 74 8.77 -1.43 48.64
C ASN A 74 8.56 -0.67 49.95
N ALA A 75 9.58 -0.59 50.78
CA ALA A 75 9.45 0.14 52.03
C ALA A 75 9.33 1.64 51.78
N LYS A 76 9.92 2.13 50.68
CA LYS A 76 9.84 3.52 50.29
C LYS A 76 8.78 3.77 49.22
N ASN A 77 8.07 2.73 48.78
CA ASN A 77 7.09 2.86 47.71
C ASN A 77 7.69 3.50 46.47
N THR A 78 8.92 3.11 46.14
CA THR A 78 9.65 3.76 45.06
C THR A 78 10.21 2.77 44.06
N LEU A 79 10.11 3.12 42.78
CA LEU A 79 10.72 2.43 41.67
C LEU A 79 11.92 3.21 41.15
N TYR A 80 12.98 2.51 40.80
CA TYR A 80 14.20 3.16 40.33
C TYR A 80 14.66 2.67 38.98
N LEU A 81 15.40 3.55 38.30
CA LEU A 81 16.09 3.22 37.06
C LEU A 81 17.49 3.84 37.09
N GLN A 82 18.51 2.99 37.24
CA GLN A 82 19.89 3.43 37.18
C GLN A 82 20.35 3.43 35.72
N MET A 83 20.81 4.59 35.27
CA MET A 83 21.26 4.78 33.90
C MET A 83 22.77 5.04 33.93
N SER A 84 23.53 4.22 33.21
CA SER A 84 24.98 4.41 33.12
C SER A 84 25.41 4.38 31.66
N LYS A 85 26.63 4.86 31.41
CA LYS A 85 27.21 4.88 30.07
C LYS A 85 26.29 5.55 29.07
N VAL A 86 25.70 6.68 29.48
CA VAL A 86 24.57 7.19 28.71
C VAL A 86 25.06 7.77 27.38
N ARG A 87 24.11 7.84 26.44
CA ARG A 87 24.36 8.17 25.05
C ARG A 87 23.29 9.15 24.58
N SER A 88 23.57 9.83 23.47
CA SER A 88 22.62 10.82 22.94
C SER A 88 21.22 10.26 22.77
N GLU A 89 21.11 9.01 22.31
CA GLU A 89 19.83 8.36 22.08
C GLU A 89 19.05 8.05 23.36
N ASP A 90 19.64 8.28 24.53
CA ASP A 90 18.94 8.19 25.80
C ASP A 90 18.20 9.48 26.16
N THR A 91 18.38 10.55 25.38
CA THR A 91 17.61 11.77 25.58
C THR A 91 16.14 11.46 25.36
N ALA A 92 15.31 11.68 26.37
CA ALA A 92 13.92 11.26 26.35
C ALA A 92 13.22 11.66 27.65
N LEU A 93 11.89 11.61 27.60
CA LEU A 93 11.06 11.63 28.79
C LEU A 93 10.88 10.20 29.28
N TYR A 94 11.06 10.00 30.58
CA TYR A 94 10.99 8.67 31.21
C TYR A 94 9.77 8.60 32.12
N TYR A 95 8.93 7.60 31.88
CA TYR A 95 7.70 7.39 32.61
C TYR A 95 7.72 6.07 33.37
N CYS A 96 7.19 6.07 34.57
CA CYS A 96 6.82 4.82 35.23
C CYS A 96 5.33 4.57 35.04
N ALA A 97 4.95 3.30 35.04
CA ALA A 97 3.56 2.93 34.88
C ALA A 97 3.25 1.68 35.70
N ARG A 98 2.08 1.71 36.33
CA ARG A 98 1.58 0.58 37.09
C ARG A 98 0.99 -0.48 36.18
N ILE A 99 1.25 -1.73 36.52
CA ILE A 99 0.63 -2.89 35.90
C ILE A 99 -0.57 -3.34 36.74
N TRP A 100 -1.75 -3.31 36.15
CA TRP A 100 -2.98 -3.84 36.74
C TRP A 100 -3.21 -5.24 36.19
N ILE A 101 -3.30 -6.25 37.05
CA ILE A 101 -3.55 -7.63 36.61
C ILE A 101 -5.01 -7.98 36.88
N TYR A 102 -5.69 -8.47 35.86
CA TYR A 102 -7.11 -8.72 35.99
C TYR A 102 -7.40 -10.05 36.66
N TYR A 103 -8.65 -10.17 37.12
CA TYR A 103 -9.22 -11.44 37.58
C TYR A 103 -8.94 -12.55 36.58
N GLY A 104 -8.44 -13.67 37.09
CA GLY A 104 -7.99 -14.76 36.27
C GLY A 104 -6.49 -14.80 36.08
N PHE A 105 -5.80 -13.70 36.39
CA PHE A 105 -4.35 -13.68 36.49
C PHE A 105 -3.73 -13.98 35.11
N ASP A 106 -4.43 -13.55 34.04
CA ASP A 106 -4.02 -13.83 32.66
C ASP A 106 -4.42 -12.69 31.72
N ALA A 107 -4.28 -11.44 32.17
CA ALA A 107 -4.54 -10.24 31.41
C ALA A 107 -4.01 -9.09 32.26
N TYR A 108 -3.56 -8.03 31.60
CA TYR A 108 -3.02 -6.87 32.33
C TYR A 108 -3.25 -5.61 31.52
N VAL A 109 -3.20 -4.48 32.21
CA VAL A 109 -3.20 -3.18 31.54
C VAL A 109 -2.21 -2.28 32.28
N MET A 110 -1.57 -1.38 31.52
CA MET A 110 -0.70 -0.38 32.17
C MET A 110 -1.63 0.78 32.50
N ASP A 111 -2.20 0.81 33.71
CA ASP A 111 -3.37 1.67 33.90
C ASP A 111 -2.95 3.12 34.22
N TYR A 112 -2.17 3.32 35.28
CA TYR A 112 -1.78 4.66 35.70
C TYR A 112 -0.30 4.92 35.40
N TRP A 113 -0.03 6.11 34.86
CA TRP A 113 1.28 6.55 34.38
C TRP A 113 1.71 7.80 35.14
N GLY A 114 2.99 7.90 35.43
CA GLY A 114 3.53 9.14 35.97
C GLY A 114 3.65 10.21 34.88
N PRO A 115 3.86 11.46 35.31
CA PRO A 115 3.94 12.56 34.34
C PRO A 115 5.22 12.56 33.53
N GLY A 116 6.25 11.87 33.98
CA GLY A 116 7.50 11.78 33.23
C GLY A 116 8.57 12.68 33.75
N THR A 117 9.83 12.26 33.60
CA THR A 117 10.97 13.07 33.94
C THR A 117 11.93 13.11 32.76
N SER A 118 12.49 14.29 32.51
CA SER A 118 13.26 14.54 31.30
C SER A 118 14.75 14.32 31.54
N VAL A 119 15.37 13.55 30.66
CA VAL A 119 16.80 13.32 30.64
C VAL A 119 17.33 13.85 29.33
N THR A 120 18.38 14.66 29.39
CA THR A 120 19.11 15.09 28.20
C THR A 120 20.56 14.70 28.34
N VAL A 121 21.07 13.98 27.34
CA VAL A 121 22.47 13.54 27.28
C VAL A 121 23.17 14.38 26.22
N SER A 122 24.13 15.19 26.64
CA SER A 122 24.83 16.06 25.72
C SER A 122 26.16 16.54 26.30
N SER A 123 27.14 16.66 25.43
CA SER A 123 28.41 17.28 25.75
C SER A 123 28.50 18.74 25.32
N ALA A 124 27.41 19.30 24.78
CA ALA A 124 27.43 20.70 24.36
C ALA A 124 27.75 21.62 25.53
N LYS A 125 28.51 22.67 25.25
CA LYS A 125 28.73 23.76 26.19
C LYS A 125 27.62 24.80 26.04
N THR A 126 27.44 25.59 27.08
CA THR A 126 26.53 26.73 26.99
C THR A 126 26.88 27.60 25.79
N THR A 127 25.86 27.85 24.94
CA THR A 127 26.05 28.47 23.63
C THR A 127 24.91 29.44 23.36
N PRO A 128 25.16 30.73 23.21
CA PRO A 128 24.08 31.67 22.94
C PRO A 128 23.62 31.57 21.49
N PRO A 129 22.36 31.89 21.20
CA PRO A 129 21.89 31.70 19.82
C PRO A 129 22.42 32.74 18.86
N SER A 130 22.54 32.34 17.60
CA SER A 130 22.75 33.24 16.48
C SER A 130 21.39 33.61 15.93
N VAL A 131 21.05 34.88 15.99
CA VAL A 131 19.69 35.31 15.65
C VAL A 131 19.71 36.00 14.29
N TYR A 132 18.87 35.50 13.38
CA TYR A 132 18.83 35.98 12.01
C TYR A 132 17.43 36.42 11.61
N PRO A 133 17.32 37.45 10.76
CA PRO A 133 16.00 37.89 10.31
C PRO A 133 15.43 36.98 9.23
N LEU A 134 14.12 36.79 9.28
CA LEU A 134 13.38 36.12 8.22
C LEU A 134 12.49 37.16 7.56
N ALA A 135 12.84 37.53 6.34
CA ALA A 135 12.10 38.52 5.58
C ALA A 135 11.74 37.92 4.23
N PRO A 136 10.62 38.34 3.64
CA PRO A 136 10.22 37.78 2.35
C PRO A 136 11.27 38.03 1.27
N GLY A 137 11.25 37.17 0.26
CA GLY A 137 12.21 37.30 -0.82
C GLY A 137 11.91 38.46 -1.75
N SER A 138 12.97 39.06 -2.29
CA SER A 138 12.89 40.28 -3.08
C SER A 138 11.95 40.14 -4.28
N ALA A 140 8.33 39.09 -3.74
CA ALA A 140 7.93 40.41 -3.27
C ALA A 140 6.56 40.87 -3.79
N GLN A 141 5.64 39.93 -4.00
CA GLN A 141 4.27 40.24 -4.43
C GLN A 141 3.38 40.52 -3.23
N THR A 142 2.37 41.37 -3.43
CA THR A 142 1.63 41.98 -2.32
C THR A 142 0.40 41.18 -1.90
N ASN A 143 0.15 41.17 -0.58
CA ASN A 143 -1.10 40.75 0.07
C ASN A 143 -1.39 41.79 1.15
N SER A 144 -2.53 41.68 1.85
CA SER A 144 -2.85 42.65 2.90
C SER A 144 -2.08 42.42 4.20
N MET A 145 -1.53 41.23 4.42
CA MET A 145 -0.68 40.96 5.57
C MET A 145 0.66 40.47 5.07
N VAL A 146 1.68 40.63 5.89
CA VAL A 146 3.00 40.10 5.59
C VAL A 146 3.50 39.35 6.81
N THR A 147 4.13 38.19 6.58
CA THR A 147 4.61 37.35 7.67
C THR A 147 6.13 37.48 7.73
N LEU A 148 6.62 37.86 8.90
CA LEU A 148 8.03 38.09 9.17
C LEU A 148 8.51 37.09 10.21
N GLY A 149 9.82 36.93 10.32
CA GLY A 149 10.29 35.97 11.30
C GLY A 149 11.69 36.20 11.81
N CYS A 150 12.07 35.28 12.69
CA CYS A 150 13.28 35.37 13.50
C CYS A 150 13.76 33.93 13.65
N LEU A 151 14.95 33.64 13.10
CA LEU A 151 15.59 32.33 13.19
C LEU A 151 16.55 32.38 14.37
N VAL A 152 16.31 31.51 15.35
CA VAL A 152 17.10 31.46 16.57
C VAL A 152 17.96 30.20 16.49
N LYS A 153 19.17 30.34 15.97
CA LYS A 153 19.92 29.21 15.46
C LYS A 153 21.06 28.82 16.39
N GLY A 154 21.08 27.55 16.78
CA GLY A 154 22.21 26.94 17.45
C GLY A 154 22.52 27.44 18.84
N TYR A 155 21.67 27.12 19.81
CA TYR A 155 21.87 27.51 21.20
C TYR A 155 21.82 26.27 22.08
N PHE A 156 22.34 26.41 23.27
CA PHE A 156 22.33 25.32 24.24
C PHE A 156 22.57 25.91 25.62
N PRO A 157 21.79 25.53 26.64
CA PRO A 157 20.68 24.57 26.65
C PRO A 157 19.38 25.28 26.29
N GLU A 158 18.28 24.56 26.19
CA GLU A 158 16.97 25.19 26.21
C GLU A 158 16.73 25.81 27.59
N PRO A 159 15.89 26.85 27.67
CA PRO A 159 15.12 27.46 26.59
C PRO A 159 15.68 28.81 26.16
N VAL A 160 15.03 29.38 25.15
CA VAL A 160 15.14 30.79 24.83
C VAL A 160 13.75 31.38 25.02
N THR A 161 13.71 32.70 25.14
CA THR A 161 12.46 33.45 25.13
C THR A 161 12.50 34.46 24.00
N VAL A 162 11.46 34.46 23.18
CA VAL A 162 11.35 35.34 22.02
C VAL A 162 10.16 36.28 22.17
N THR A 163 10.41 37.56 21.97
CA THR A 163 9.35 38.56 21.90
C THR A 163 9.55 39.40 20.64
N TRP A 164 8.51 40.19 20.33
CA TRP A 164 8.48 41.06 19.17
C TRP A 164 8.18 42.48 19.65
N ASN A 165 8.99 43.44 19.19
CA ASN A 165 8.90 44.84 19.64
C ASN A 165 8.79 44.91 21.17
N SER A 166 9.64 44.14 21.83
CA SER A 166 9.77 44.13 23.29
C SER A 166 8.48 43.74 24.00
N GLY A 167 7.70 42.86 23.38
CA GLY A 167 6.44 42.40 23.94
C GLY A 167 5.22 43.10 23.41
N SER A 168 5.38 44.17 22.63
CA SER A 168 4.25 44.98 22.19
C SER A 168 3.46 44.32 21.06
N LEU A 169 4.12 43.56 20.21
CA LEU A 169 3.43 42.74 19.22
C LEU A 169 3.21 41.36 19.84
N SER A 170 1.98 41.00 20.02
CA SER A 170 1.66 39.73 20.66
C SER A 170 0.66 38.89 19.88
N SER A 171 -0.35 39.52 19.29
CA SER A 171 -1.34 38.81 18.50
C SER A 171 -0.70 38.25 17.23
N GLY A 172 -0.99 36.98 16.94
CA GLY A 172 -0.44 36.36 15.75
C GLY A 172 1.07 36.17 15.76
N VAL A 173 1.68 36.15 16.94
CA VAL A 173 3.05 35.63 17.09
C VAL A 173 2.96 34.12 17.25
N HIS A 174 3.83 33.41 16.54
CA HIS A 174 3.95 31.97 16.70
C HIS A 174 5.41 31.63 16.89
N THR A 175 5.72 31.00 18.02
CA THR A 175 7.06 30.53 18.28
C THR A 175 7.02 29.00 18.28
N PHE A 176 7.79 28.41 17.38
CA PHE A 176 7.72 27.01 17.03
C PHE A 176 8.63 26.18 17.93
N PRO A 177 8.39 24.88 18.05
CA PRO A 177 9.23 24.04 18.91
C PRO A 177 10.65 24.00 18.37
N ALA A 178 11.59 23.70 19.27
CA ALA A 178 12.98 23.59 18.86
C ALA A 178 13.26 22.26 18.17
N VAL A 179 14.20 22.29 17.23
CA VAL A 179 14.80 21.09 16.64
C VAL A 179 16.25 21.02 17.12
N LEU A 180 16.82 19.83 17.04
CA LEU A 180 18.20 19.59 17.45
C LEU A 180 19.01 19.29 16.19
N GLN A 181 20.00 20.12 15.90
CA GLN A 181 20.87 19.91 14.74
C GLN A 181 22.31 20.19 15.14
N SER A 182 23.20 19.25 14.82
CA SER A 182 24.63 19.39 15.13
C SER A 182 24.84 19.69 16.62
N ASP A 183 24.08 18.99 17.47
CA ASP A 183 24.13 19.03 18.92
C ASP A 183 23.70 20.37 19.51
N LEU A 184 23.08 21.25 18.74
CA LEU A 184 22.54 22.50 19.24
C LEU A 184 21.08 22.66 18.84
N TYR A 185 20.35 23.42 19.65
CA TYR A 185 18.93 23.68 19.39
C TYR A 185 18.74 24.85 18.46
N THR A 186 17.66 24.77 17.68
CA THR A 186 17.26 25.85 16.78
C THR A 186 15.74 25.95 16.82
N LEU A 187 15.23 27.18 16.84
CA LEU A 187 13.80 27.38 16.64
C LEU A 187 13.60 28.67 15.87
N SER A 188 12.34 28.91 15.50
CA SER A 188 11.95 30.11 14.79
C SER A 188 10.70 30.69 15.44
N SER A 189 10.51 31.98 15.19
CA SER A 189 9.34 32.71 15.62
C SER A 189 8.88 33.55 14.45
N SER A 190 7.57 33.68 14.27
CA SER A 190 7.05 34.51 13.20
C SER A 190 5.98 35.44 13.75
N VAL A 191 5.72 36.48 12.98
CA VAL A 191 4.66 37.43 13.32
C VAL A 191 4.10 37.97 12.02
N THR A 192 2.80 38.20 12.01
CA THR A 192 2.10 38.73 10.85
C THR A 192 1.63 40.14 11.16
N VAL A 193 1.94 41.07 10.26
CA VAL A 193 1.59 42.48 10.42
C VAL A 193 1.01 42.97 9.10
N PRO A 194 0.24 44.06 9.14
CA PRO A 194 -0.26 44.64 7.89
C PRO A 194 0.85 45.01 6.92
N SER A 195 0.59 44.77 5.64
CA SER A 195 1.55 45.17 4.60
C SER A 195 1.79 46.66 4.59
N SER A 196 0.82 47.45 5.01
CA SER A 196 1.04 48.89 5.07
C SER A 196 1.93 49.30 6.22
N VAL A 197 2.22 48.38 7.15
CA VAL A 197 2.96 48.72 8.36
C VAL A 197 4.45 48.41 8.22
N TRP A 198 4.79 47.32 7.54
CA TRP A 198 6.18 47.00 7.31
C TRP A 198 6.45 47.01 5.80
N PRO A 199 7.57 47.58 5.36
CA PRO A 199 8.68 48.07 6.19
C PRO A 199 8.63 49.54 6.63
N SER A 200 7.50 50.22 6.46
CA SER A 200 7.38 51.61 6.88
C SER A 200 7.73 51.76 8.35
N GLU A 201 7.17 50.91 9.20
CA GLU A 201 7.47 50.90 10.62
C GLU A 201 8.41 49.75 10.95
N THR A 202 9.18 49.93 12.02
CA THR A 202 10.18 48.97 12.43
C THR A 202 9.55 47.78 13.14
N VAL A 203 10.00 46.58 12.77
CA VAL A 203 9.66 45.33 13.45
C VAL A 203 10.95 44.64 13.86
N THR A 204 11.03 44.27 15.13
CA THR A 204 12.25 43.76 15.76
C THR A 204 11.92 42.55 16.61
N CYS A 205 12.70 41.47 16.51
CA CYS A 205 12.56 40.38 17.46
C CYS A 205 13.64 40.50 18.53
N ASN A 206 13.27 40.13 19.76
CA ASN A 206 14.13 40.18 20.93
C ASN A 206 14.28 38.75 21.43
N VAL A 207 15.50 38.29 21.57
CA VAL A 207 15.76 36.90 21.96
C VAL A 207 16.66 36.89 23.17
N ALA A 208 16.18 36.26 24.25
CA ALA A 208 16.93 36.11 25.49
C ALA A 208 17.28 34.65 25.69
N HIS A 209 18.49 34.41 26.19
CA HIS A 209 18.97 33.07 26.49
C HIS A 209 19.43 33.07 27.94
N PRO A 210 18.55 32.71 28.86
CA PRO A 210 18.89 32.84 30.29
C PRO A 210 20.22 32.21 30.68
N ALA A 211 20.57 31.05 30.12
CA ALA A 211 21.80 30.38 30.51
C ALA A 211 23.05 31.15 30.12
N SER A 212 23.00 31.94 29.06
CA SER A 212 24.09 32.83 28.67
C SER A 212 23.97 34.24 29.25
N SER A 213 22.89 34.53 29.97
CA SER A 213 22.56 35.87 30.40
C SER A 213 22.56 36.87 29.26
N THR A 214 22.15 36.46 28.06
CA THR A 214 22.16 37.34 26.92
C THR A 214 20.74 37.73 26.52
N LYS A 215 20.63 38.87 25.86
CA LYS A 215 19.39 39.27 25.22
C LYS A 215 19.76 40.17 24.05
N VAL A 216 19.33 39.76 22.86
CA VAL A 216 19.73 40.43 21.63
C VAL A 216 18.48 40.82 20.85
N ASP A 217 18.63 41.84 20.03
CA ASP A 217 17.61 42.40 19.17
C ASP A 217 18.02 42.25 17.72
N LYS A 218 17.05 41.97 16.85
CA LYS A 218 17.28 41.87 15.42
C LYS A 218 16.14 42.55 14.69
N LYS A 219 16.43 43.70 14.08
CA LYS A 219 15.46 44.38 13.24
C LYS A 219 15.27 43.62 11.94
N ILE A 220 14.01 43.49 11.50
CA ILE A 220 13.69 42.78 10.27
C ILE A 220 13.72 43.81 9.14
N VAL A 221 14.70 43.67 8.24
CA VAL A 221 14.93 44.63 7.16
C VAL A 221 14.60 44.01 5.81
N PRO A 222 14.02 44.75 4.87
CA PRO A 222 13.71 44.17 3.56
C PRO A 222 14.98 43.70 2.86
N ARG A 223 14.81 42.69 2.01
CA ARG A 223 15.88 42.22 1.17
C ARG A 223 15.99 43.08 -0.08
N GLN B 1 13.41 -9.29 16.47
CA GLN B 1 13.39 -7.86 16.07
C GLN B 1 11.93 -7.51 15.77
N ALA B 2 11.05 -7.80 16.71
CA ALA B 2 9.61 -7.67 16.48
C ALA B 2 9.24 -6.20 16.31
N VAL B 3 8.36 -5.96 15.33
CA VAL B 3 7.92 -4.61 14.98
C VAL B 3 6.39 -4.62 14.98
N VAL B 4 5.81 -3.60 15.61
CA VAL B 4 4.37 -3.43 15.77
C VAL B 4 3.94 -2.23 14.96
N THR B 5 2.96 -2.40 14.10
CA THR B 5 2.57 -1.39 13.12
C THR B 5 1.14 -0.92 13.34
N GLN B 6 0.96 0.40 13.32
CA GLN B 6 -0.32 1.05 13.49
C GLN B 6 -0.53 2.05 12.35
N GLU B 7 -1.79 2.37 12.07
CA GLU B 7 -2.05 3.49 11.17
C GLU B 7 -1.41 4.76 11.72
N SER B 8 -0.83 5.57 10.84
CA SER B 8 -0.20 6.79 11.33
C SER B 8 -1.24 7.79 11.84
N ALA B 9 -2.37 7.90 11.13
CA ALA B 9 -3.38 8.90 11.50
C ALA B 9 -4.73 8.55 10.89
N LEU B 10 -5.78 8.76 11.67
CA LEU B 10 -7.16 8.52 11.28
C LEU B 10 -8.01 9.70 11.73
N THR B 11 -9.09 9.97 11.00
CA THR B 11 -10.01 11.03 11.34
C THR B 11 -11.43 10.49 11.39
N THR B 12 -12.18 10.94 12.40
CA THR B 12 -13.59 10.60 12.56
C THR B 12 -14.30 11.86 13.06
N SER B 13 -15.63 11.79 13.14
CA SER B 13 -16.44 12.89 13.66
C SER B 13 -17.16 12.43 14.93
N PRO B 14 -17.53 13.37 15.81
CA PRO B 14 -18.23 12.98 17.03
C PRO B 14 -19.48 12.16 16.74
N GLY B 15 -19.66 11.08 17.51
CA GLY B 15 -20.77 10.17 17.34
C GLY B 15 -20.52 9.03 16.37
N GLU B 16 -19.46 9.10 15.57
CA GLU B 16 -19.16 8.03 14.64
C GLU B 16 -18.44 6.89 15.37
N THR B 17 -18.23 5.80 14.65
CA THR B 17 -17.50 4.65 15.16
C THR B 17 -16.21 4.56 14.38
N VAL B 18 -15.10 4.38 15.09
CA VAL B 18 -13.80 4.30 14.45
C VAL B 18 -13.04 3.13 15.06
N THR B 19 -12.28 2.45 14.22
CA THR B 19 -11.44 1.33 14.63
C THR B 19 -9.99 1.60 14.25
N LEU B 20 -9.11 1.40 15.23
CA LEU B 20 -7.66 1.50 15.08
C LEU B 20 -7.10 0.08 15.11
N THR B 21 -6.05 -0.19 14.35
CA THR B 21 -5.52 -1.55 14.33
C THR B 21 -4.03 -1.58 14.62
N CYS B 22 -3.58 -2.81 14.88
CA CYS B 22 -2.26 -3.07 15.46
C CYS B 22 -1.77 -4.40 14.91
N ARG B 23 -0.68 -4.36 14.14
CA ARG B 23 -0.17 -5.53 13.45
C ARG B 23 1.19 -5.93 13.99
N SER B 24 1.43 -7.25 14.00
CA SER B 24 2.68 -7.84 14.44
C SER B 24 3.53 -8.35 13.27
N SER B 25 4.83 -8.08 13.33
CA SER B 25 5.73 -8.58 12.31
C SER B 25 5.98 -10.09 12.44
N THR B 26 5.54 -10.72 13.53
CA THR B 26 5.73 -12.16 13.70
C THR B 26 4.63 -12.99 13.07
N GLY B 27 3.53 -12.38 12.70
CA GLY B 27 2.39 -13.12 12.20
C GLY B 27 1.12 -12.56 12.80
N ALA B 28 0.08 -13.37 12.90
CA ALA B 28 -1.17 -12.91 13.48
C ALA B 28 -0.96 -12.52 14.95
N VAL B 29 -1.71 -11.52 15.38
CA VAL B 29 -1.80 -11.19 16.80
C VAL B 29 -2.70 -12.21 17.47
N THR B 30 -2.29 -12.71 18.63
CA THR B 30 -3.11 -13.67 19.36
C THR B 30 -3.38 -13.14 20.76
N THR B 31 -4.22 -13.86 21.49
CA THR B 31 -4.46 -13.48 22.88
C THR B 31 -3.19 -13.57 23.71
N SER B 32 -2.21 -14.38 23.28
CA SER B 32 -0.95 -14.47 24.00
C SER B 32 -0.05 -13.26 23.81
N ASN B 33 -0.43 -12.30 22.95
CA ASN B 33 0.24 -11.00 22.91
C ASN B 33 -0.39 -9.98 23.87
N TYR B 34 -1.50 -10.32 24.53
CA TYR B 34 -2.10 -9.50 25.58
C TYR B 34 -2.18 -8.03 25.20
N ALA B 35 -2.72 -7.76 24.00
CA ALA B 35 -2.68 -6.40 23.46
C ALA B 35 -3.20 -5.37 24.45
N ASN B 36 -2.40 -4.31 24.63
CA ASN B 36 -2.72 -3.14 25.42
C ASN B 36 -2.91 -1.93 24.51
N TRP B 37 -3.80 -1.05 24.92
CA TRP B 37 -3.98 0.24 24.27
C TRP B 37 -3.82 1.34 25.31
N VAL B 38 -2.95 2.30 24.99
CA VAL B 38 -2.63 3.44 25.84
C VAL B 38 -2.94 4.74 25.09
N GLN B 39 -3.62 5.64 25.76
CA GLN B 39 -3.97 6.94 25.20
C GLN B 39 -3.03 8.03 25.70
N GLU B 40 -2.52 8.83 24.77
CA GLU B 40 -1.70 9.99 25.05
C GLU B 40 -2.49 11.27 24.75
N LYS B 41 -2.77 12.06 25.78
CA LYS B 41 -3.38 13.37 25.63
C LYS B 41 -2.35 14.47 25.91
N PRO B 42 -2.66 15.73 25.56
CA PRO B 42 -1.64 16.77 25.60
C PRO B 42 -0.99 16.96 26.98
N ASP B 43 0.23 17.49 26.94
CA ASP B 43 1.15 17.57 28.07
C ASP B 43 1.53 16.19 28.59
N HIS B 44 1.75 15.26 27.66
CA HIS B 44 2.30 13.92 27.93
C HIS B 44 1.52 13.22 29.03
N LEU B 45 0.21 13.22 28.90
CA LEU B 45 -0.66 12.51 29.83
C LEU B 45 -1.06 11.16 29.22
N PHE B 46 -0.52 10.08 29.79
CA PHE B 46 -0.78 8.73 29.33
C PHE B 46 -1.75 8.02 30.25
N THR B 47 -2.66 7.25 29.66
CA THR B 47 -3.68 6.49 30.38
C THR B 47 -3.92 5.17 29.68
N GLY B 48 -3.83 4.06 30.42
CA GLY B 48 -4.22 2.77 29.84
C GLY B 48 -5.74 2.69 29.66
N LEU B 49 -6.16 2.16 28.51
CA LEU B 49 -7.57 2.01 28.18
C LEU B 49 -8.02 0.58 28.06
N ILE B 50 -7.25 -0.27 27.38
CA ILE B 50 -7.60 -1.66 27.12
C ILE B 50 -6.38 -2.52 27.45
N GLY B 51 -6.61 -3.65 28.11
CA GLY B 51 -5.55 -4.62 28.32
C GLY B 51 -6.05 -6.03 28.05
N GLY B 52 -5.09 -6.92 27.76
CA GLY B 52 -5.43 -8.30 27.46
C GLY B 52 -6.45 -8.42 26.33
N THR B 53 -6.17 -7.73 25.24
CA THR B 53 -6.97 -7.76 24.02
C THR B 53 -8.30 -7.02 24.15
N ASN B 54 -9.10 -7.34 25.18
CA ASN B 54 -10.49 -6.87 25.16
C ASN B 54 -11.05 -6.44 26.52
N ASN B 55 -10.22 -6.25 27.52
CA ASN B 55 -10.62 -5.78 28.85
C ASN B 55 -10.45 -4.27 28.96
N ARG B 56 -11.53 -3.56 29.23
CA ARG B 56 -11.39 -2.16 29.59
C ARG B 56 -10.63 -2.03 30.91
N ALA B 57 -9.77 -1.03 31.00
CA ALA B 57 -9.21 -0.68 32.29
C ALA B 57 -10.33 -0.19 33.21
N PRO B 58 -10.23 -0.43 34.51
CA PRO B 58 -11.22 0.12 35.45
C PRO B 58 -11.46 1.60 35.23
N GLY B 59 -12.74 1.97 35.13
CA GLY B 59 -13.13 3.35 35.01
C GLY B 59 -13.16 3.89 33.60
N VAL B 60 -12.71 3.11 32.62
CA VAL B 60 -12.67 3.58 31.22
C VAL B 60 -14.07 3.59 30.63
N PRO B 61 -14.45 4.63 29.89
CA PRO B 61 -15.81 4.68 29.33
C PRO B 61 -16.14 3.50 28.43
N ALA B 62 -17.42 3.11 28.44
CA ALA B 62 -17.84 1.91 27.73
C ALA B 62 -17.74 2.07 26.22
N ARG B 63 -17.60 3.30 25.72
CA ARG B 63 -17.44 3.47 24.27
C ARG B 63 -16.13 2.91 23.73
N PHE B 64 -15.15 2.63 24.60
CA PHE B 64 -13.91 1.99 24.17
C PHE B 64 -14.03 0.47 24.28
N SER B 65 -13.61 -0.24 23.23
CA SER B 65 -13.56 -1.69 23.28
C SER B 65 -12.41 -2.23 22.46
N GLY B 66 -11.98 -3.43 22.78
CA GLY B 66 -10.89 -4.07 22.07
C GLY B 66 -11.29 -5.45 21.58
N SER B 67 -10.60 -5.89 20.53
CA SER B 67 -10.89 -7.18 19.92
C SER B 67 -9.72 -7.56 19.03
N LEU B 68 -9.76 -8.80 18.54
CA LEU B 68 -8.95 -9.18 17.40
C LEU B 68 -9.81 -9.10 16.15
N ILE B 69 -9.22 -8.61 15.07
CA ILE B 69 -9.89 -8.55 13.76
C ILE B 69 -8.91 -9.11 12.75
N GLY B 70 -9.23 -10.30 12.24
CA GLY B 70 -8.30 -10.94 11.35
C GLY B 70 -6.97 -11.17 12.04
N ASP B 71 -5.89 -10.76 11.35
CA ASP B 71 -4.51 -10.83 11.79
C ASP B 71 -4.17 -9.91 12.95
N LYS B 72 -5.04 -8.97 13.29
CA LYS B 72 -4.64 -7.77 14.00
C LYS B 72 -5.43 -7.60 15.28
N ALA B 73 -4.83 -6.88 16.23
CA ALA B 73 -5.56 -6.34 17.37
C ALA B 73 -6.22 -5.02 16.96
N ALA B 74 -7.32 -4.70 17.63
CA ALA B 74 -8.13 -3.54 17.27
C ALA B 74 -8.69 -2.84 18.50
N LEU B 75 -8.72 -1.51 18.42
CA LEU B 75 -9.41 -0.65 19.38
C LEU B 75 -10.54 0.03 18.64
N THR B 76 -11.76 -0.14 19.15
CA THR B 76 -12.94 0.49 18.57
C THR B 76 -13.48 1.53 19.54
N ILE B 77 -13.74 2.72 19.03
CA ILE B 77 -14.45 3.76 19.78
C ILE B 77 -15.83 3.88 19.13
N THR B 78 -16.86 3.51 19.87
CA THR B 78 -18.23 3.45 19.36
C THR B 78 -18.93 4.69 19.92
N GLY B 79 -19.03 5.72 19.10
CA GLY B 79 -19.59 6.98 19.56
C GLY B 79 -18.51 7.91 20.05
N ALA B 80 -17.57 8.22 19.17
CA ALA B 80 -16.41 9.03 19.52
C ALA B 80 -16.83 10.40 20.05
N GLN B 81 -16.07 10.90 21.01
CA GLN B 81 -16.27 12.22 21.57
C GLN B 81 -15.07 13.09 21.25
N THR B 82 -15.26 14.42 21.24
CA THR B 82 -14.13 15.29 20.88
C THR B 82 -12.95 15.08 21.82
N GLU B 83 -13.22 14.75 23.08
CA GLU B 83 -12.16 14.50 24.05
C GLU B 83 -11.33 13.27 23.71
N ASP B 84 -11.78 12.43 22.78
CA ASP B 84 -11.02 11.28 22.34
C ASP B 84 -9.97 11.61 21.29
N GLU B 85 -9.85 12.87 20.85
CA GLU B 85 -8.72 13.27 20.01
C GLU B 85 -7.43 13.15 20.80
N ALA B 86 -6.50 12.35 20.29
CA ALA B 86 -5.39 11.85 21.09
C ALA B 86 -4.55 10.94 20.23
N ILE B 87 -3.38 10.57 20.74
CA ILE B 87 -2.55 9.56 20.10
C ILE B 87 -2.75 8.25 20.87
N TYR B 88 -2.99 7.16 20.13
CA TYR B 88 -3.27 5.85 20.71
C TYR B 88 -2.12 4.91 20.36
N PHE B 89 -1.47 4.36 21.38
CA PHE B 89 -0.40 3.39 21.23
C PHE B 89 -0.92 1.99 21.57
N CYS B 90 -0.62 1.02 20.72
CA CYS B 90 -0.85 -0.38 21.05
C CYS B 90 0.47 -0.98 21.50
N ALA B 91 0.39 -2.01 22.34
CA ALA B 91 1.58 -2.69 22.81
C ALA B 91 1.31 -4.19 22.86
N LEU B 92 2.25 -4.96 22.31
CA LEU B 92 2.13 -6.41 22.22
C LEU B 92 3.25 -7.08 23.01
N TRP B 93 2.89 -8.15 23.69
CA TRP B 93 3.82 -8.93 24.51
C TRP B 93 4.33 -10.14 23.72
N TYR B 94 5.65 -10.35 23.79
CA TYR B 94 6.34 -11.41 23.06
C TYR B 94 7.17 -12.22 24.06
N SER B 95 6.46 -12.99 24.91
CA SER B 95 7.02 -13.87 25.92
C SER B 95 7.86 -13.21 27.01
N ASN B 96 8.78 -12.30 26.66
CA ASN B 96 9.62 -11.71 27.70
C ASN B 96 9.99 -10.26 27.40
N HIS B 97 9.31 -9.61 26.46
CA HIS B 97 9.44 -8.15 26.36
C HIS B 97 8.22 -7.61 25.61
N LEU B 98 7.99 -6.32 25.83
CA LEU B 98 6.83 -5.61 25.34
C LEU B 98 7.30 -4.66 24.25
N VAL B 99 6.52 -4.58 23.18
CA VAL B 99 6.86 -3.74 22.04
C VAL B 99 5.66 -2.83 21.74
N PHE B 100 5.91 -1.53 21.74
CA PHE B 100 4.90 -0.55 21.35
C PHE B 100 4.90 -0.35 19.84
N GLY B 101 3.71 -0.19 19.29
CA GLY B 101 3.56 0.36 17.96
C GLY B 101 3.88 1.85 17.92
N GLY B 102 3.88 2.40 16.71
CA GLY B 102 4.29 3.75 16.49
C GLY B 102 3.27 4.78 16.85
N GLY B 103 2.06 4.35 17.17
CA GLY B 103 0.99 5.25 17.54
C GLY B 103 0.15 5.70 16.37
N THR B 104 -1.13 5.93 16.63
CA THR B 104 -2.07 6.51 15.67
C THR B 104 -2.57 7.83 16.23
N LYS B 105 -2.37 8.93 15.49
CA LYS B 105 -3.06 10.18 15.81
C LYS B 105 -4.52 10.08 15.39
N LEU B 106 -5.42 10.15 16.36
CA LEU B 106 -6.85 10.15 16.08
C LEU B 106 -7.37 11.57 16.20
N THR B 107 -7.87 12.10 15.09
CA THR B 107 -8.58 13.36 15.08
C THR B 107 -10.07 13.05 15.23
N VAL B 108 -10.72 13.73 16.15
CA VAL B 108 -12.18 13.71 16.27
C VAL B 108 -12.62 15.15 16.02
N LEU B 109 -13.21 15.39 14.85
CA LEU B 109 -13.38 16.75 14.37
C LEU B 109 -14.09 17.61 15.41
N GLY B 110 -13.39 18.61 15.92
CA GLY B 110 -13.94 19.49 16.93
C GLY B 110 -14.00 20.94 16.49
N GLN B 111 -13.63 21.16 15.23
CA GLN B 111 -13.63 22.47 14.60
C GLN B 111 -13.55 22.24 13.10
N PRO B 112 -13.76 23.27 12.28
CA PRO B 112 -13.73 23.03 10.83
C PRO B 112 -12.32 22.68 10.36
N LYS B 113 -12.26 21.93 9.28
CA LYS B 113 -10.98 21.75 8.59
C LYS B 113 -10.44 23.12 8.17
N SER B 114 -9.13 23.27 8.33
CA SER B 114 -8.47 24.55 8.03
C SER B 114 -7.16 24.24 7.33
N SER B 115 -6.99 24.78 6.13
CA SER B 115 -5.77 24.51 5.38
C SER B 115 -4.61 25.36 5.90
N PRO B 116 -3.38 24.88 5.73
CA PRO B 116 -2.22 25.58 6.31
C PRO B 116 -1.90 26.90 5.61
N SER B 117 -1.49 27.88 6.41
CA SER B 117 -0.83 29.07 5.90
C SER B 117 0.67 28.78 5.85
N VAL B 118 1.25 28.82 4.66
CA VAL B 118 2.65 28.44 4.46
C VAL B 118 3.45 29.68 4.05
N THR B 119 4.58 29.87 4.70
CA THR B 119 5.51 30.95 4.40
C THR B 119 6.91 30.36 4.25
N LEU B 120 7.58 30.70 3.16
CA LEU B 120 8.95 30.26 2.90
C LEU B 120 9.89 31.45 2.95
N PHE B 121 10.95 31.31 3.74
CA PHE B 121 11.94 32.36 3.91
C PHE B 121 13.30 31.95 3.37
N PRO B 122 13.96 32.83 2.62
CA PRO B 122 15.34 32.54 2.18
C PRO B 122 16.32 32.71 3.32
N PRO B 123 17.56 32.26 3.12
CA PRO B 123 18.61 32.55 4.10
C PRO B 123 18.83 34.05 4.18
N SER B 124 19.19 34.51 5.37
CA SER B 124 19.57 35.90 5.53
C SER B 124 20.99 36.12 5.03
N SER B 125 21.26 37.35 4.57
CA SER B 125 22.62 37.70 4.16
C SER B 125 23.59 37.51 5.31
N GLU B 126 23.17 37.84 6.53
CA GLU B 126 24.03 37.69 7.69
C GLU B 126 24.41 36.23 7.92
N GLU B 127 23.47 35.30 7.76
CA GLU B 127 23.82 33.89 7.90
C GLU B 127 24.77 33.47 6.78
N LEU B 128 24.53 33.95 5.56
CA LEU B 128 25.37 33.52 4.44
C LEU B 128 26.83 33.90 4.67
N GLU B 129 27.07 35.01 5.38
CA GLU B 129 28.44 35.42 5.67
C GLU B 129 29.16 34.42 6.58
N THR B 130 28.43 33.55 7.28
CA THR B 130 29.04 32.47 8.04
C THR B 130 29.26 31.21 7.19
N ASN B 131 28.99 31.26 5.89
CA ASN B 131 29.18 30.14 4.96
C ASN B 131 28.11 29.06 5.15
N LYS B 132 26.96 29.41 5.72
CA LYS B 132 25.83 28.52 5.96
C LYS B 132 24.57 29.16 5.40
N ALA B 133 23.58 28.32 5.06
CA ALA B 133 22.29 28.79 4.59
C ALA B 133 21.20 27.89 5.15
N THR B 134 20.20 28.51 5.78
CA THR B 134 19.04 27.82 6.31
C THR B 134 17.80 28.45 5.69
N LEU B 135 16.99 27.65 5.02
CA LEU B 135 15.67 28.08 4.58
C LEU B 135 14.66 27.61 5.61
N VAL B 136 13.66 28.45 5.89
CA VAL B 136 12.67 28.20 6.93
C VAL B 136 11.30 28.23 6.29
N CYS B 137 10.51 27.18 6.53
CA CYS B 137 9.13 27.11 6.03
C CYS B 137 8.21 27.02 7.25
N THR B 138 7.41 28.06 7.48
CA THR B 138 6.52 28.07 8.62
C THR B 138 5.11 27.69 8.14
N ILE B 139 4.38 27.00 9.00
CA ILE B 139 3.13 26.34 8.64
C ILE B 139 2.18 26.56 9.80
N THR B 140 1.12 27.37 9.58
CA THR B 140 0.23 27.70 10.69
C THR B 140 -1.24 27.52 10.33
N ASP B 141 -2.05 27.51 11.39
CA ASP B 141 -3.49 27.54 11.31
C ASP B 141 -4.07 26.36 10.52
N PHE B 142 -3.57 25.16 10.79
CA PHE B 142 -4.14 23.98 10.14
C PHE B 142 -4.81 23.04 11.14
N TYR B 143 -5.83 22.35 10.63
CA TYR B 143 -6.61 21.36 11.35
C TYR B 143 -7.27 20.47 10.33
N PRO B 144 -7.20 19.15 10.46
CA PRO B 144 -6.50 18.35 11.49
C PRO B 144 -4.99 18.61 11.60
N GLY B 145 -4.42 18.23 12.75
CA GLY B 145 -3.03 18.50 13.06
C GLY B 145 -2.07 17.45 12.52
N VAL B 146 -2.14 17.23 11.22
CA VAL B 146 -1.34 16.23 10.51
C VAL B 146 -0.92 16.83 9.19
N VAL B 147 0.39 16.88 8.93
CA VAL B 147 0.90 17.36 7.66
C VAL B 147 2.09 16.51 7.24
N THR B 148 2.36 16.49 5.94
CA THR B 148 3.63 16.01 5.44
C THR B 148 4.30 17.14 4.67
N VAL B 149 5.61 17.27 4.87
CA VAL B 149 6.41 18.34 4.30
C VAL B 149 7.51 17.73 3.45
N ASP B 150 7.70 18.28 2.26
CA ASP B 150 8.81 17.90 1.39
C ASP B 150 9.46 19.16 0.87
N TRP B 151 10.74 19.05 0.54
CA TRP B 151 11.52 20.16 0.00
C TRP B 151 12.12 19.74 -1.34
N LYS B 152 12.16 20.68 -2.28
CA LYS B 152 12.83 20.42 -3.56
C LYS B 152 13.75 21.58 -3.90
N VAL B 153 14.93 21.25 -4.42
CA VAL B 153 15.89 22.24 -4.92
C VAL B 153 16.20 21.90 -6.38
N ASP B 154 15.83 22.81 -7.28
CA ASP B 154 15.97 22.58 -8.73
C ASP B 154 15.49 21.19 -9.12
N GLY B 155 14.33 20.83 -8.60
CA GLY B 155 13.68 19.59 -8.97
C GLY B 155 14.22 18.36 -8.29
N THR B 156 15.15 18.51 -7.36
CA THR B 156 15.70 17.38 -6.62
C THR B 156 15.12 17.38 -5.21
N PRO B 157 14.31 16.38 -4.84
CA PRO B 157 13.85 16.29 -3.46
C PRO B 157 15.03 16.19 -2.51
N VAL B 158 14.91 16.81 -1.35
CA VAL B 158 16.00 16.81 -0.39
C VAL B 158 15.83 15.61 0.52
N THR B 159 16.83 14.72 0.55
CA THR B 159 16.85 13.55 1.41
C THR B 159 17.87 13.63 2.53
N GLN B 160 18.64 14.71 2.63
CA GLN B 160 19.53 14.95 3.75
C GLN B 160 19.45 16.43 4.12
N GLY B 161 19.40 16.71 5.42
CA GLY B 161 19.45 18.09 5.85
C GLY B 161 18.14 18.83 5.90
N MET B 162 17.01 18.13 5.89
CA MET B 162 15.71 18.74 6.18
C MET B 162 15.15 18.15 7.48
N GLU B 163 14.38 18.98 8.18
CA GLU B 163 13.95 18.68 9.55
C GLU B 163 12.65 19.45 9.79
N THR B 164 11.63 18.75 10.29
CA THR B 164 10.29 19.31 10.44
C THR B 164 9.81 19.02 11.86
N THR B 165 9.24 20.02 12.53
CA THR B 165 8.74 19.80 13.88
C THR B 165 7.40 19.07 13.83
N GLN B 166 7.11 18.33 14.90
CA GLN B 166 5.78 17.74 15.02
C GLN B 166 4.75 18.83 15.28
N PRO B 167 3.53 18.69 14.74
CA PRO B 167 2.54 19.76 14.89
C PRO B 167 2.25 20.03 16.36
N SER B 168 2.09 21.32 16.69
CA SER B 168 1.79 21.71 18.06
C SER B 168 0.64 22.70 18.08
N LYS B 169 -0.06 22.76 19.22
CA LYS B 169 -1.28 23.54 19.31
C LYS B 169 -1.00 25.04 19.40
N GLN B 170 -1.77 25.82 18.65
CA GLN B 170 -1.84 27.26 18.72
C GLN B 170 -2.83 27.68 19.81
N SER B 171 -2.75 28.97 20.21
CA SER B 171 -3.71 29.51 21.17
C SER B 171 -5.14 29.48 20.65
N ASN B 172 -5.32 29.51 19.32
CA ASN B 172 -6.64 29.44 18.70
C ASN B 172 -7.08 28.00 18.42
N ASN B 173 -6.35 27.00 18.93
CA ASN B 173 -6.70 25.60 18.89
C ASN B 173 -6.48 24.95 17.53
N LYS B 174 -5.96 25.67 16.54
CA LYS B 174 -5.44 25.05 15.34
C LYS B 174 -4.00 24.59 15.64
N TYR B 175 -3.31 24.06 14.62
CA TYR B 175 -1.97 23.51 14.75
C TYR B 175 -0.97 24.30 13.91
N MET B 176 0.30 24.22 14.32
CA MET B 176 1.41 24.87 13.62
C MET B 176 2.60 23.94 13.59
N ALA B 177 3.50 24.18 12.64
CA ALA B 177 4.73 23.42 12.51
C ALA B 177 5.72 24.25 11.71
N SER B 178 7.00 23.89 11.82
CA SER B 178 8.05 24.52 11.04
C SER B 178 8.96 23.47 10.43
N SER B 179 9.50 23.79 9.27
CA SER B 179 10.45 22.92 8.57
C SER B 179 11.67 23.73 8.16
N TYR B 180 12.80 23.05 8.17
CA TYR B 180 14.10 23.64 7.92
C TYR B 180 14.82 22.89 6.83
N LEU B 181 15.49 23.64 5.95
CA LEU B 181 16.39 23.11 4.94
C LEU B 181 17.77 23.71 5.17
N THR B 182 18.75 22.84 5.47
CA THR B 182 20.10 23.29 5.80
C THR B 182 21.02 23.08 4.60
N LEU B 183 21.71 24.14 4.18
CA LEU B 183 22.59 24.10 3.03
C LEU B 183 23.90 24.79 3.39
N THR B 184 24.97 24.49 2.64
CA THR B 184 26.12 25.38 2.71
C THR B 184 25.83 26.62 1.88
N ALA B 185 26.58 27.70 2.13
CA ALA B 185 26.42 28.88 1.31
C ALA B 185 26.78 28.61 -0.14
N ARG B 186 27.79 27.77 -0.38
CA ARG B 186 28.11 27.43 -1.77
C ARG B 186 26.96 26.71 -2.46
N ALA B 187 26.29 25.82 -1.73
CA ALA B 187 25.11 25.15 -2.30
C ALA B 187 24.02 26.15 -2.64
N TRP B 188 23.71 27.05 -1.69
CA TRP B 188 22.75 28.12 -1.97
C TRP B 188 23.10 28.84 -3.25
N GLU B 189 24.38 29.19 -3.42
CA GLU B 189 24.80 29.95 -4.59
C GLU B 189 24.73 29.12 -5.87
N ARG B 190 24.87 27.79 -5.78
CA ARG B 190 24.93 26.94 -6.95
C ARG B 190 23.55 26.45 -7.42
N HIS B 191 22.46 26.76 -6.71
CA HIS B 191 21.13 26.38 -7.16
C HIS B 191 20.22 27.59 -7.23
N SER B 192 19.12 27.42 -7.98
CA SER B 192 18.26 28.54 -8.33
C SER B 192 16.90 28.53 -7.66
N SER B 193 16.16 27.42 -7.76
CA SER B 193 14.76 27.37 -7.36
C SER B 193 14.59 26.45 -6.15
N TYR B 194 13.85 26.93 -5.16
CA TYR B 194 13.70 26.26 -3.86
C TYR B 194 12.21 26.21 -3.54
N SER B 195 11.73 25.06 -3.04
CA SER B 195 10.31 24.86 -2.80
C SER B 195 10.07 24.10 -1.51
N CYS B 196 9.12 24.57 -0.70
CA CYS B 196 8.62 23.77 0.43
C CYS B 196 7.18 23.41 0.09
N GLN B 197 6.86 22.13 0.22
CA GLN B 197 5.57 21.59 -0.20
C GLN B 197 4.91 20.95 1.01
N VAL B 198 3.74 21.45 1.37
CA VAL B 198 3.03 20.99 2.58
C VAL B 198 1.75 20.30 2.14
N THR B 199 1.64 19.01 2.45
CA THR B 199 0.44 18.27 2.11
C THR B 199 -0.44 18.13 3.35
N HIS B 200 -1.71 18.51 3.20
CA HIS B 200 -2.67 18.47 4.27
C HIS B 200 -4.01 17.99 3.73
N GLU B 201 -4.53 16.92 4.33
CA GLU B 201 -5.82 16.36 3.93
C GLU B 201 -5.85 16.18 2.42
N GLY B 202 -4.76 15.64 1.89
CA GLY B 202 -4.69 15.23 0.47
C GLY B 202 -4.52 16.35 -0.53
N HIS B 203 -4.24 17.56 -0.07
CA HIS B 203 -3.97 18.70 -0.94
C HIS B 203 -2.63 19.30 -0.59
N THR B 204 -1.87 19.68 -1.58
CA THR B 204 -0.55 20.25 -1.37
C THR B 204 -0.56 21.77 -1.56
N VAL B 205 -0.04 22.47 -0.56
CA VAL B 205 0.26 23.90 -0.60
C VAL B 205 1.76 24.03 -0.84
N GLU B 206 2.15 24.75 -1.89
CA GLU B 206 3.54 24.92 -2.25
C GLU B 206 3.94 26.39 -2.22
N LYS B 207 5.05 26.70 -1.57
CA LYS B 207 5.67 28.01 -1.68
C LYS B 207 7.09 27.84 -2.20
N SER B 208 7.51 28.74 -3.07
CA SER B 208 8.82 28.62 -3.69
C SER B 208 9.45 30.00 -3.84
N LEU B 209 10.75 29.99 -4.04
CA LEU B 209 11.48 31.21 -4.37
C LEU B 209 12.65 30.87 -5.28
N SER B 210 13.17 31.91 -5.93
CA SER B 210 14.37 31.84 -6.75
C SER B 210 15.43 32.74 -6.11
N ARG B 211 16.66 32.22 -6.01
CA ARG B 211 17.77 33.02 -5.51
C ARG B 211 18.05 34.19 -6.46
N GLU B 212 18.28 35.37 -5.88
CA GLU B 212 19.06 36.41 -6.56
C GLU B 212 18.58 36.75 -7.96
N GLU C 1 6.49 -16.69 -45.41
CA GLU C 1 6.69 -17.42 -44.11
C GLU C 1 5.38 -18.10 -43.68
N VAL C 2 5.46 -18.88 -42.60
CA VAL C 2 4.34 -19.73 -42.18
C VAL C 2 3.26 -18.89 -41.52
N LYS C 3 2.04 -19.00 -42.01
CA LYS C 3 0.94 -18.20 -41.48
C LYS C 3 -0.36 -18.98 -41.62
N PHE C 4 -1.30 -18.65 -40.73
CA PHE C 4 -2.61 -19.29 -40.69
C PHE C 4 -3.72 -18.25 -40.63
N LEU C 5 -4.78 -18.53 -41.36
CA LEU C 5 -6.00 -17.72 -41.39
C LEU C 5 -7.11 -18.61 -40.84
N GLU C 6 -7.68 -18.23 -39.70
CA GLU C 6 -8.73 -19.00 -39.06
C GLU C 6 -10.07 -18.30 -39.17
N SER C 7 -11.13 -19.09 -39.33
CA SER C 7 -12.45 -18.52 -39.52
C SER C 7 -13.50 -19.56 -39.12
N GLY C 8 -14.76 -19.11 -39.11
CA GLY C 8 -15.89 -19.96 -38.77
C GLY C 8 -16.38 -19.85 -37.34
N GLY C 9 -15.68 -19.11 -36.49
CA GLY C 9 -16.14 -18.92 -35.14
C GLY C 9 -17.29 -17.94 -35.07
N GLY C 10 -17.81 -17.81 -33.87
CA GLY C 10 -18.87 -16.86 -33.64
C GLY C 10 -19.78 -17.34 -32.54
N LEU C 11 -20.98 -16.78 -32.52
CA LEU C 11 -21.94 -17.05 -31.48
C LEU C 11 -22.88 -18.16 -31.95
N VAL C 12 -23.11 -19.13 -31.07
CA VAL C 12 -23.95 -20.30 -31.37
C VAL C 12 -24.71 -20.64 -30.08
N GLN C 13 -25.92 -21.19 -30.24
CA GLN C 13 -26.66 -21.61 -29.06
C GLN C 13 -26.31 -23.04 -28.65
N PRO C 14 -26.49 -23.37 -27.38
CA PRO C 14 -26.26 -24.76 -26.95
C PRO C 14 -27.02 -25.75 -27.81
N GLY C 15 -26.37 -26.87 -28.10
CA GLY C 15 -26.88 -27.85 -29.03
C GLY C 15 -26.50 -27.62 -30.48
N GLY C 16 -26.09 -26.41 -30.82
CA GLY C 16 -25.80 -26.05 -32.19
C GLY C 16 -24.45 -26.56 -32.64
N SER C 17 -24.05 -26.05 -33.80
CA SER C 17 -22.88 -26.55 -34.50
C SER C 17 -22.17 -25.39 -35.16
N LEU C 18 -20.86 -25.51 -35.27
CA LEU C 18 -20.02 -24.61 -36.04
C LEU C 18 -18.98 -25.43 -36.76
N LYS C 19 -18.49 -24.92 -37.89
CA LYS C 19 -17.33 -25.50 -38.55
C LYS C 19 -16.22 -24.45 -38.61
N LEU C 20 -15.12 -24.71 -37.91
CA LEU C 20 -13.97 -23.84 -37.95
C LEU C 20 -13.05 -24.26 -39.08
N SER C 21 -12.35 -23.28 -39.63
CA SER C 21 -11.38 -23.52 -40.69
C SER C 21 -10.07 -22.84 -40.33
N CYS C 22 -8.98 -23.49 -40.69
CA CYS C 22 -7.63 -23.00 -40.44
C CYS C 22 -6.94 -23.14 -41.80
N ALA C 23 -6.79 -22.04 -42.51
CA ALA C 23 -6.15 -22.02 -43.83
C ALA C 23 -4.68 -21.67 -43.70
N ALA C 24 -3.83 -22.49 -44.28
CA ALA C 24 -2.39 -22.43 -44.09
C ALA C 24 -1.71 -21.88 -45.34
N SER C 25 -0.64 -21.11 -45.12
CA SER C 25 0.20 -20.62 -46.21
C SER C 25 1.66 -20.64 -45.79
N GLY C 26 2.54 -20.72 -46.78
CA GLY C 26 3.98 -20.64 -46.57
C GLY C 26 4.69 -21.96 -46.38
N PHE C 27 4.01 -23.09 -46.56
CA PHE C 27 4.63 -24.41 -46.43
C PHE C 27 3.73 -25.40 -47.17
N ASP C 28 4.27 -26.58 -47.42
CA ASP C 28 3.52 -27.64 -48.11
C ASP C 28 2.66 -28.35 -47.09
N PHE C 29 1.42 -27.85 -46.98
CA PHE C 29 0.47 -28.33 -45.99
C PHE C 29 0.28 -29.84 -46.03
N SER C 30 0.36 -30.43 -47.24
CA SER C 30 0.13 -31.85 -47.37
C SER C 30 1.19 -32.70 -46.69
N ARG C 31 2.24 -32.10 -46.16
CA ARG C 31 3.32 -32.87 -45.56
C ARG C 31 3.32 -32.87 -44.04
N TYR C 32 2.32 -32.27 -43.38
CA TYR C 32 2.37 -32.10 -41.93
C TYR C 32 1.11 -32.53 -41.22
N TRP C 33 1.28 -33.16 -40.05
CA TRP C 33 0.21 -33.25 -39.06
C TRP C 33 -0.25 -31.86 -38.68
N MET C 34 -1.55 -31.72 -38.42
CA MET C 34 -2.17 -30.45 -38.00
C MET C 34 -3.03 -30.71 -36.79
N SER C 35 -3.03 -29.75 -35.86
CA SER C 35 -3.73 -29.94 -34.58
C SER C 35 -4.62 -28.75 -34.24
N TRP C 36 -5.58 -29.05 -33.38
CA TRP C 36 -6.49 -28.07 -32.79
C TRP C 36 -6.27 -28.05 -31.28
N VAL C 37 -6.20 -26.84 -30.73
CA VAL C 37 -6.07 -26.56 -29.31
C VAL C 37 -7.02 -25.40 -29.00
N ARG C 38 -7.58 -25.38 -27.80
CA ARG C 38 -8.42 -24.26 -27.39
C ARG C 38 -8.01 -23.70 -26.05
N GLN C 39 -8.52 -22.51 -25.77
CA GLN C 39 -8.21 -21.79 -24.53
C GLN C 39 -9.45 -21.03 -24.08
N ALA C 40 -10.10 -21.47 -23.01
CA ALA C 40 -11.26 -20.74 -22.50
C ALA C 40 -10.80 -19.45 -21.82
N PRO C 41 -11.69 -18.46 -21.69
CA PRO C 41 -11.27 -17.12 -21.26
C PRO C 41 -10.62 -17.14 -19.88
N GLY C 42 -9.35 -16.76 -19.81
CA GLY C 42 -8.70 -16.75 -18.51
C GLY C 42 -8.24 -18.09 -18.00
N LYS C 43 -8.23 -19.11 -18.86
CA LYS C 43 -7.77 -20.45 -18.51
C LYS C 43 -6.59 -20.85 -19.38
N GLY C 44 -6.11 -22.07 -19.19
CA GLY C 44 -4.97 -22.59 -19.93
C GLY C 44 -5.37 -23.32 -21.21
N LEU C 45 -4.39 -23.96 -21.83
CA LEU C 45 -4.62 -24.68 -23.07
C LEU C 45 -5.25 -26.04 -22.83
N GLU C 46 -6.18 -26.40 -23.71
CA GLU C 46 -6.76 -27.73 -23.76
C GLU C 46 -6.60 -28.28 -25.17
N TRP C 47 -5.96 -29.44 -25.28
CA TRP C 47 -5.79 -30.07 -26.59
C TRP C 47 -7.13 -30.61 -27.06
N ILE C 48 -7.39 -30.47 -28.35
CA ILE C 48 -8.57 -31.05 -28.98
C ILE C 48 -8.21 -32.31 -29.76
N GLY C 49 -7.30 -32.20 -30.73
CA GLY C 49 -6.86 -33.37 -31.46
C GLY C 49 -5.93 -32.98 -32.60
N GLU C 50 -5.64 -33.97 -33.42
CA GLU C 50 -4.73 -33.79 -34.54
C GLU C 50 -5.03 -34.84 -35.59
N ILE C 51 -4.55 -34.57 -36.80
CA ILE C 51 -4.85 -35.37 -37.99
C ILE C 51 -3.61 -35.42 -38.87
N ASN C 52 -3.28 -36.60 -39.35
CA ASN C 52 -2.08 -36.80 -40.16
C ASN C 52 -2.34 -36.35 -41.60
N PRO C 53 -1.29 -36.26 -42.40
CA PRO C 53 -1.43 -35.66 -43.74
C PRO C 53 -2.48 -36.30 -44.62
N ASP C 54 -2.60 -37.64 -44.63
CA ASP C 54 -3.57 -38.26 -45.53
C ASP C 54 -4.86 -38.66 -44.83
N SER C 55 -5.09 -38.16 -43.61
CA SER C 55 -6.30 -38.31 -42.82
C SER C 55 -6.58 -39.76 -42.42
N ARG C 56 -5.61 -40.67 -42.53
CA ARG C 56 -5.89 -42.02 -42.04
C ARG C 56 -5.81 -42.14 -40.52
N THR C 57 -5.21 -41.15 -39.83
CA THR C 57 -5.09 -41.21 -38.37
C THR C 57 -5.55 -39.88 -37.77
N ILE C 58 -6.52 -39.96 -36.87
CA ILE C 58 -7.01 -38.82 -36.10
C ILE C 58 -6.94 -39.21 -34.62
N TYR C 59 -6.24 -38.42 -33.82
CA TYR C 59 -6.26 -38.54 -32.37
C TYR C 59 -7.08 -37.38 -31.81
N CYS C 60 -7.78 -37.63 -30.71
CA CYS C 60 -8.71 -36.64 -30.17
C CYS C 60 -8.73 -36.82 -28.65
N THR C 61 -8.95 -35.72 -27.95
CA THR C 61 -9.16 -35.82 -26.51
C THR C 61 -10.40 -36.67 -26.26
N PRO C 62 -10.33 -37.67 -25.37
CA PRO C 62 -11.44 -38.62 -25.27
C PRO C 62 -12.81 -37.99 -25.01
N SER C 63 -12.86 -36.91 -24.22
CA SER C 63 -14.15 -36.31 -23.86
C SER C 63 -14.84 -35.64 -25.04
N LEU C 64 -14.12 -35.33 -26.11
CA LEU C 64 -14.66 -34.64 -27.27
C LEU C 64 -14.88 -35.54 -28.47
N LYS C 65 -14.47 -36.81 -28.39
CA LYS C 65 -14.51 -37.68 -29.56
C LYS C 65 -15.92 -37.92 -30.05
N ASP C 66 -16.91 -37.75 -29.19
CA ASP C 66 -18.31 -38.02 -29.54
C ASP C 66 -18.93 -36.94 -30.40
N ARG C 67 -18.34 -35.74 -30.48
CA ARG C 67 -19.06 -34.62 -31.06
C ARG C 67 -18.21 -33.58 -31.76
N PHE C 68 -16.89 -33.65 -31.71
CA PHE C 68 -16.07 -32.87 -32.61
C PHE C 68 -15.53 -33.81 -33.70
N ILE C 69 -15.44 -33.32 -34.92
CA ILE C 69 -14.85 -34.05 -36.03
C ILE C 69 -13.77 -33.20 -36.67
N ILE C 70 -12.56 -33.74 -36.73
CA ILE C 70 -11.43 -33.10 -37.37
C ILE C 70 -11.28 -33.63 -38.77
N SER C 71 -11.01 -32.74 -39.73
CA SER C 71 -10.81 -33.12 -41.12
C SER C 71 -9.87 -32.10 -41.76
N ARG C 72 -9.53 -32.37 -43.02
CA ARG C 72 -8.63 -31.51 -43.77
C ARG C 72 -8.87 -31.71 -45.26
N ASP C 73 -8.49 -30.68 -46.03
CA ASP C 73 -8.54 -30.70 -47.48
C ASP C 73 -7.20 -30.15 -47.94
N ASN C 74 -6.28 -31.06 -48.31
CA ASN C 74 -4.93 -30.62 -48.68
C ASN C 74 -4.95 -29.77 -49.95
N ALA C 75 -5.93 -29.97 -50.83
CA ALA C 75 -5.98 -29.15 -52.05
C ALA C 75 -6.32 -27.70 -51.73
N LYS C 76 -6.98 -27.45 -50.59
CA LYS C 76 -7.26 -26.09 -50.14
C LYS C 76 -6.29 -25.63 -49.05
N ASN C 77 -5.31 -26.47 -48.68
CA ASN C 77 -4.43 -26.15 -47.58
C ASN C 77 -5.20 -25.75 -46.32
N THR C 78 -6.29 -26.46 -46.04
CA THR C 78 -7.16 -26.09 -44.95
C THR C 78 -7.46 -27.25 -44.02
N LEU C 79 -7.42 -26.95 -42.74
CA LEU C 79 -7.82 -27.82 -41.63
C LEU C 79 -9.18 -27.40 -41.11
N TYR C 80 -10.04 -28.36 -40.79
CA TYR C 80 -11.38 -28.10 -40.27
C TYR C 80 -11.64 -28.75 -38.92
N LEU C 81 -12.51 -28.10 -38.14
CA LEU C 81 -13.08 -28.66 -36.91
C LEU C 81 -14.59 -28.50 -36.96
N GLN C 82 -15.31 -29.61 -37.03
CA GLN C 82 -16.77 -29.59 -36.96
C GLN C 82 -17.14 -29.79 -35.48
N MET C 83 -17.80 -28.79 -34.90
CA MET C 83 -18.15 -28.75 -33.49
C MET C 83 -19.66 -28.99 -33.44
N SER C 84 -20.11 -29.97 -32.68
CA SER C 84 -21.55 -30.20 -32.57
C SER C 84 -21.96 -30.40 -31.12
N LYS C 85 -23.28 -30.33 -30.91
CA LYS C 85 -23.87 -30.44 -29.57
C LYS C 85 -23.13 -29.54 -28.57
N VAL C 86 -22.93 -28.28 -28.96
CA VAL C 86 -22.02 -27.43 -28.20
C VAL C 86 -22.66 -26.98 -26.88
N ARG C 87 -21.80 -26.52 -25.98
CA ARG C 87 -22.17 -26.24 -24.61
C ARG C 87 -21.29 -25.13 -24.07
N SER C 88 -21.68 -24.60 -22.91
CA SER C 88 -21.00 -23.43 -22.35
C SER C 88 -19.50 -23.61 -22.26
N GLU C 89 -19.06 -24.81 -21.90
CA GLU C 89 -17.65 -25.09 -21.77
C GLU C 89 -16.90 -25.00 -23.08
N ASP C 90 -17.58 -24.96 -24.21
CA ASP C 90 -16.90 -24.81 -25.49
C ASP C 90 -16.54 -23.35 -25.79
N THR C 91 -17.03 -22.38 -25.02
CA THR C 91 -16.64 -20.99 -25.23
C THR C 91 -15.14 -20.82 -25.03
N ALA C 92 -14.46 -20.40 -26.09
CA ALA C 92 -12.99 -20.40 -26.08
C ALA C 92 -12.47 -19.79 -27.38
N LEU C 93 -11.18 -19.46 -27.36
CA LEU C 93 -10.40 -19.25 -28.57
C LEU C 93 -9.89 -20.60 -29.06
N TYR C 94 -10.03 -20.86 -30.36
CA TYR C 94 -9.61 -22.09 -31.02
C TYR C 94 -8.42 -21.82 -31.93
N TYR C 95 -7.32 -22.52 -31.67
CA TYR C 95 -6.09 -22.38 -32.43
C TYR C 95 -5.80 -23.64 -33.22
N CYS C 96 -5.27 -23.47 -34.43
CA CYS C 96 -4.60 -24.55 -35.11
C CYS C 96 -3.08 -24.41 -34.96
N ALA C 97 -2.39 -25.54 -35.01
CA ALA C 97 -0.96 -25.56 -34.82
C ALA C 97 -0.36 -26.66 -35.69
N ARG C 98 0.76 -26.33 -36.32
CA ARG C 98 1.50 -27.30 -37.12
C ARG C 98 2.38 -28.16 -36.24
N ILE C 99 2.47 -29.42 -36.62
CA ILE C 99 3.35 -30.41 -36.00
C ILE C 99 4.60 -30.55 -36.85
N TRP C 100 5.76 -30.29 -36.26
CA TRP C 100 7.05 -30.48 -36.89
C TRP C 100 7.66 -31.76 -36.33
N ILE C 101 8.03 -32.70 -37.20
CA ILE C 101 8.62 -33.97 -36.76
C ILE C 101 10.11 -33.94 -37.05
N TYR C 102 10.90 -34.29 -36.02
CA TYR C 102 12.34 -34.19 -36.10
C TYR C 102 12.97 -35.38 -36.83
N TYR C 103 14.21 -35.17 -37.26
CA TYR C 103 15.06 -36.26 -37.75
C TYR C 103 14.99 -37.43 -36.77
N GLY C 104 14.70 -38.62 -37.30
CA GLY C 104 14.52 -39.81 -36.50
C GLY C 104 13.07 -40.23 -36.37
N PHE C 105 12.14 -39.31 -36.64
CA PHE C 105 10.73 -39.63 -36.75
C PHE C 105 10.18 -40.06 -35.38
N ASP C 106 10.78 -39.49 -34.31
CA ASP C 106 10.43 -39.94 -32.95
C ASP C 106 10.54 -38.77 -31.97
N ALA C 107 10.16 -37.58 -32.41
CA ALA C 107 10.09 -36.35 -31.61
C ALA C 107 9.30 -35.37 -32.45
N TYR C 108 8.59 -34.46 -31.77
CA TYR C 108 7.77 -33.49 -32.47
C TYR C 108 7.72 -32.22 -31.63
N VAL C 109 7.41 -31.12 -32.30
CA VAL C 109 7.08 -29.87 -31.63
C VAL C 109 5.92 -29.24 -32.37
N MET C 110 5.09 -28.52 -31.63
CA MET C 110 4.00 -27.71 -32.20
C MET C 110 4.58 -26.34 -32.51
N ASP C 111 5.13 -26.17 -33.73
CA ASP C 111 6.03 -25.04 -33.92
C ASP C 111 5.26 -23.75 -34.20
N TYR C 112 4.43 -23.73 -35.25
CA TYR C 112 3.72 -22.52 -35.64
C TYR C 112 2.22 -22.63 -35.33
N TRP C 113 1.68 -21.56 -34.78
CA TRP C 113 0.31 -21.51 -34.28
C TRP C 113 -0.46 -20.42 -35.01
N GLY C 114 -1.73 -20.68 -35.26
CA GLY C 114 -2.60 -19.65 -35.79
C GLY C 114 -2.98 -18.63 -34.73
N PRO C 115 -3.67 -17.59 -35.18
CA PRO C 115 -3.98 -16.48 -34.27
C PRO C 115 -5.20 -16.75 -33.40
N GLY C 116 -6.02 -17.72 -33.76
CA GLY C 116 -7.18 -18.08 -32.97
C GLY C 116 -8.46 -17.52 -33.56
N THR C 117 -9.55 -18.25 -33.36
CA THR C 117 -10.87 -17.80 -33.74
C THR C 117 -11.79 -18.04 -32.55
N SER C 118 -12.64 -17.07 -32.27
CA SER C 118 -13.44 -17.05 -31.06
C SER C 118 -14.78 -17.76 -31.27
N VAL C 119 -15.14 -18.58 -30.30
CA VAL C 119 -16.43 -19.27 -30.24
C VAL C 119 -17.11 -18.91 -28.92
N THR C 120 -18.36 -18.48 -28.99
CA THR C 120 -19.16 -18.24 -27.79
C THR C 120 -20.44 -19.07 -27.89
N VAL C 121 -20.70 -19.84 -26.84
CA VAL C 121 -21.89 -20.68 -26.74
C VAL C 121 -22.82 -20.06 -25.71
N SER C 122 -23.95 -19.56 -26.17
CA SER C 122 -24.86 -18.85 -25.29
C SER C 122 -26.25 -18.76 -25.92
N SER C 123 -27.25 -18.80 -25.05
CA SER C 123 -28.61 -18.46 -25.42
C SER C 123 -29.01 -17.03 -25.08
N ALA C 124 -28.09 -16.22 -24.57
CA ALA C 124 -28.43 -14.84 -24.22
C ALA C 124 -28.90 -14.05 -25.43
N LYS C 125 -29.85 -13.15 -25.19
CA LYS C 125 -30.27 -12.18 -26.20
C LYS C 125 -29.47 -10.89 -26.02
N THR C 126 -29.43 -10.09 -27.08
CA THR C 126 -28.77 -8.79 -26.99
C THR C 126 -29.37 -8.01 -25.83
N THR C 127 -28.50 -7.51 -24.96
CA THR C 127 -28.88 -6.98 -23.66
C THR C 127 -28.01 -5.76 -23.37
N PRO C 128 -28.57 -4.55 -23.26
CA PRO C 128 -27.74 -3.39 -22.93
C PRO C 128 -27.21 -3.44 -21.49
N PRO C 129 -26.09 -2.76 -21.23
CA PRO C 129 -25.55 -2.75 -19.86
C PRO C 129 -26.36 -1.86 -18.94
N SER C 130 -26.34 -2.20 -17.65
CA SER C 130 -26.60 -1.22 -16.60
C SER C 130 -25.28 -0.57 -16.23
N VAL C 131 -25.27 0.75 -16.12
CA VAL C 131 -24.04 1.49 -15.83
C VAL C 131 -24.15 2.14 -14.47
N TYR C 132 -23.25 1.77 -13.55
CA TYR C 132 -23.34 2.30 -12.19
C TYR C 132 -22.08 3.05 -11.78
N PRO C 133 -22.21 4.12 -11.00
CA PRO C 133 -21.03 4.84 -10.53
C PRO C 133 -20.32 4.06 -9.43
N LEU C 134 -18.99 4.10 -9.44
CA LEU C 134 -18.17 3.56 -8.36
C LEU C 134 -17.54 4.77 -7.67
N ALA C 135 -18.05 5.10 -6.48
CA ALA C 135 -17.45 6.19 -5.72
C ALA C 135 -17.00 5.66 -4.36
N PRO C 136 -16.02 6.31 -3.75
CA PRO C 136 -15.53 5.81 -2.46
C PRO C 136 -16.61 5.85 -1.40
N GLY C 137 -16.40 5.03 -0.36
CA GLY C 137 -17.29 5.04 0.79
C GLY C 137 -17.08 6.25 1.69
N ALA C 140 -12.50 6.15 3.40
CA ALA C 140 -13.06 7.47 3.69
C ALA C 140 -11.99 8.41 4.26
N GLN C 141 -10.79 7.88 4.52
CA GLN C 141 -9.64 8.67 4.97
C GLN C 141 -8.92 9.27 3.75
N THR C 142 -8.14 10.34 3.99
CA THR C 142 -7.58 11.11 2.88
C THR C 142 -6.23 10.58 2.40
N ASN C 143 -6.01 10.70 1.08
CA ASN C 143 -4.69 10.66 0.44
C ASN C 143 -4.78 11.64 -0.73
N SER C 144 -3.67 11.83 -1.44
CA SER C 144 -3.63 12.93 -2.42
C SER C 144 -4.29 12.59 -3.76
N MET C 145 -4.60 11.32 -4.00
CA MET C 145 -5.32 10.89 -5.19
C MET C 145 -6.62 10.19 -4.77
N VAL C 146 -7.62 10.26 -5.62
CA VAL C 146 -8.85 9.50 -5.43
C VAL C 146 -9.12 8.71 -6.70
N THR C 147 -9.54 7.47 -6.54
CA THR C 147 -9.84 6.58 -7.64
C THR C 147 -11.34 6.40 -7.71
N LEU C 148 -11.89 6.65 -8.90
CA LEU C 148 -13.31 6.60 -9.18
C LEU C 148 -13.54 5.51 -10.21
N GLY C 149 -14.78 5.11 -10.38
CA GLY C 149 -14.99 4.04 -11.34
C GLY C 149 -16.39 3.98 -11.90
N CYS C 150 -16.56 3.00 -12.77
CA CYS C 150 -17.74 2.86 -13.61
C CYS C 150 -17.94 1.36 -13.79
N LEU C 151 -19.04 0.82 -13.26
CA LEU C 151 -19.38 -0.59 -13.38
C LEU C 151 -20.34 -0.74 -14.55
N VAL C 152 -19.95 -1.53 -15.53
CA VAL C 152 -20.74 -1.75 -16.73
C VAL C 152 -21.25 -3.18 -16.65
N LYS C 153 -22.48 -3.36 -16.17
CA LYS C 153 -22.96 -4.64 -15.67
C LYS C 153 -24.03 -5.25 -16.57
N GLY C 154 -23.83 -6.52 -16.90
CA GLY C 154 -24.85 -7.37 -17.49
C GLY C 154 -25.23 -7.01 -18.90
N TYR C 155 -24.28 -7.07 -19.83
CA TYR C 155 -24.55 -6.78 -21.24
C TYR C 155 -24.22 -8.01 -22.08
N PHE C 156 -24.71 -8.01 -23.31
CA PHE C 156 -24.48 -9.10 -24.24
C PHE C 156 -24.86 -8.56 -25.62
N PRO C 157 -24.03 -8.79 -26.66
CA PRO C 157 -22.71 -9.43 -26.68
C PRO C 157 -21.60 -8.45 -26.31
N GLU C 158 -20.36 -8.93 -26.22
CA GLU C 158 -19.22 -8.03 -26.22
C GLU C 158 -19.12 -7.33 -27.57
N PRO C 159 -18.50 -6.16 -27.62
CA PRO C 159 -17.84 -5.39 -26.57
C PRO C 159 -18.64 -4.16 -26.15
N VAL C 160 -18.16 -3.52 -25.08
CA VAL C 160 -18.51 -2.14 -24.77
C VAL C 160 -17.24 -1.31 -24.90
N THR C 161 -17.44 -0.01 -25.09
CA THR C 161 -16.35 0.96 -25.00
C THR C 161 -16.64 1.91 -23.86
N VAL C 162 -15.58 2.34 -23.18
CA VAL C 162 -15.69 3.25 -22.05
C VAL C 162 -14.71 4.40 -22.21
N THR C 163 -15.21 5.62 -22.04
CA THR C 163 -14.36 6.80 -21.93
C THR C 163 -14.75 7.58 -20.67
N TRP C 164 -13.90 8.56 -20.37
CA TRP C 164 -14.08 9.43 -19.21
C TRP C 164 -14.00 10.89 -19.68
N ASN C 165 -14.99 11.68 -19.25
CA ASN C 165 -15.15 13.07 -19.69
C ASN C 165 -15.01 13.17 -21.21
N SER C 166 -15.70 12.25 -21.91
CA SER C 166 -15.75 12.22 -23.36
C SER C 166 -14.37 12.14 -23.98
N GLY C 167 -13.47 11.42 -23.31
CA GLY C 167 -12.13 11.19 -23.80
C GLY C 167 -11.10 12.20 -23.36
N SER C 168 -11.47 13.22 -22.60
CA SER C 168 -10.48 14.21 -22.17
C SER C 168 -9.75 13.81 -20.90
N LEU C 169 -10.26 12.84 -20.14
CA LEU C 169 -9.47 12.18 -19.11
C LEU C 169 -8.93 10.87 -19.70
N SER C 170 -7.62 10.79 -19.84
CA SER C 170 -6.99 9.62 -20.45
C SER C 170 -5.85 9.06 -19.62
N SER C 171 -5.03 9.92 -19.02
CA SER C 171 -4.02 9.43 -18.10
C SER C 171 -4.66 8.90 -16.84
N GLY C 172 -4.18 7.77 -16.36
CA GLY C 172 -4.73 7.20 -15.13
C GLY C 172 -6.03 6.44 -15.32
N VAL C 173 -6.47 6.24 -16.54
CA VAL C 173 -7.62 5.38 -16.83
C VAL C 173 -7.19 3.93 -16.96
N HIS C 174 -7.95 3.04 -16.33
CA HIS C 174 -7.75 1.61 -16.49
C HIS C 174 -9.11 0.96 -16.75
N THR C 175 -9.26 0.31 -17.88
CA THR C 175 -10.48 -0.46 -18.18
C THR C 175 -10.11 -1.94 -18.23
N PHE C 176 -10.83 -2.75 -17.43
CA PHE C 176 -10.50 -4.13 -17.12
C PHE C 176 -11.22 -5.09 -18.06
N PRO C 177 -10.71 -6.33 -18.18
CA PRO C 177 -11.40 -7.33 -19.00
C PRO C 177 -12.77 -7.66 -18.44
N ALA C 178 -13.66 -8.15 -19.31
CA ALA C 178 -14.99 -8.54 -18.86
C ALA C 178 -14.98 -9.89 -18.16
N VAL C 179 -15.88 -10.06 -17.19
CA VAL C 179 -16.19 -11.36 -16.60
C VAL C 179 -17.60 -11.74 -17.04
N LEU C 180 -17.92 -13.03 -16.93
CA LEU C 180 -19.26 -13.53 -17.26
C LEU C 180 -19.97 -13.85 -15.95
N GLN C 181 -21.02 -13.07 -15.65
CA GLN C 181 -21.85 -13.28 -14.47
C GLN C 181 -23.27 -13.55 -14.93
N SER C 182 -23.79 -14.73 -14.63
CA SER C 182 -25.18 -15.08 -14.93
C SER C 182 -25.51 -14.90 -16.41
N ASP C 183 -24.67 -15.50 -17.26
CA ASP C 183 -24.82 -15.52 -18.71
C ASP C 183 -24.64 -14.16 -19.37
N LEU C 184 -24.25 -13.14 -18.61
CA LEU C 184 -24.06 -11.80 -19.18
C LEU C 184 -22.69 -11.28 -18.76
N TYR C 185 -22.17 -10.36 -19.56
CA TYR C 185 -20.84 -9.79 -19.32
C TYR C 185 -20.90 -8.59 -18.40
N THR C 186 -19.82 -8.43 -17.62
CA THR C 186 -19.63 -7.27 -16.76
C THR C 186 -18.19 -6.84 -16.86
N LEU C 187 -17.96 -5.54 -16.93
CA LEU C 187 -16.60 -5.02 -16.78
C LEU C 187 -16.65 -3.73 -15.98
N SER C 188 -15.46 -3.25 -15.61
CA SER C 188 -15.33 -2.00 -14.89
C SER C 188 -14.21 -1.17 -15.51
N SER C 189 -14.30 0.14 -15.27
CA SER C 189 -13.25 1.08 -15.64
C SER C 189 -13.02 2.00 -14.45
N SER C 190 -11.78 2.41 -14.25
CA SER C 190 -11.45 3.33 -13.17
C SER C 190 -10.63 4.48 -13.73
N VAL C 191 -10.64 5.58 -12.98
CA VAL C 191 -9.84 6.77 -13.27
C VAL C 191 -9.36 7.32 -11.94
N THR C 192 -8.09 7.74 -11.89
CA THR C 192 -7.50 8.32 -10.70
C THR C 192 -7.18 9.79 -10.92
N VAL C 193 -7.71 10.65 -10.05
CA VAL C 193 -7.57 12.09 -10.19
C VAL C 193 -7.15 12.66 -8.83
N PRO C 194 -6.61 13.88 -8.84
CA PRO C 194 -6.21 14.50 -7.57
C PRO C 194 -7.40 14.64 -6.63
N SER C 195 -7.13 14.37 -5.35
CA SER C 195 -8.17 14.43 -4.32
C SER C 195 -8.82 15.81 -4.25
N SER C 196 -8.07 16.86 -4.51
CA SER C 196 -8.66 18.19 -4.41
C SER C 196 -9.59 18.53 -5.56
N VAL C 197 -9.62 17.75 -6.64
CA VAL C 197 -10.42 18.13 -7.79
C VAL C 197 -11.80 17.46 -7.80
N TRP C 198 -11.95 16.33 -7.14
CA TRP C 198 -13.26 15.71 -7.08
C TRP C 198 -13.72 15.69 -5.64
N PRO C 199 -14.95 16.10 -5.34
CA PRO C 199 -16.05 16.33 -6.29
C PRO C 199 -16.31 17.75 -6.79
N SER C 200 -15.40 18.68 -6.56
CA SER C 200 -15.60 20.04 -7.05
C SER C 200 -15.65 20.10 -8.57
N GLU C 201 -14.94 19.22 -9.27
CA GLU C 201 -15.03 19.14 -10.73
C GLU C 201 -15.71 17.83 -11.11
N THR C 202 -16.46 17.85 -12.20
CA THR C 202 -17.25 16.69 -12.58
C THR C 202 -16.37 15.62 -13.21
N VAL C 203 -16.68 14.36 -12.88
CA VAL C 203 -16.08 13.19 -13.51
C VAL C 203 -17.25 12.33 -13.98
N THR C 204 -17.26 11.99 -15.27
CA THR C 204 -18.36 11.28 -15.91
C THR C 204 -17.81 10.15 -16.75
N CYS C 205 -18.35 8.95 -16.62
CA CYS C 205 -17.96 7.89 -17.56
C CYS C 205 -18.99 7.80 -18.68
N ASN C 206 -18.50 7.54 -19.88
CA ASN C 206 -19.33 7.40 -21.07
C ASN C 206 -19.20 5.97 -21.58
N VAL C 207 -20.32 5.28 -21.70
CA VAL C 207 -20.35 3.87 -22.08
C VAL C 207 -21.13 3.71 -23.37
N ALA C 208 -20.56 2.97 -24.33
CA ALA C 208 -21.25 2.60 -25.55
C ALA C 208 -21.32 1.08 -25.67
N HIS C 209 -22.49 0.60 -26.10
CA HIS C 209 -22.72 -0.82 -26.39
C HIS C 209 -23.35 -0.86 -27.77
N PRO C 210 -22.53 -0.94 -28.83
CA PRO C 210 -23.09 -0.80 -30.19
C PRO C 210 -24.12 -1.86 -30.54
N ALA C 211 -23.92 -3.10 -30.11
CA ALA C 211 -24.84 -4.16 -30.49
C ALA C 211 -26.29 -3.85 -30.09
N SER C 212 -26.50 -3.13 -28.98
CA SER C 212 -27.85 -2.77 -28.55
C SER C 212 -28.18 -1.32 -28.84
N SER C 213 -27.32 -0.63 -29.61
CA SER C 213 -27.45 0.80 -29.89
C SER C 213 -27.67 1.62 -28.62
N THR C 214 -26.81 1.38 -27.63
CA THR C 214 -26.93 2.03 -26.34
C THR C 214 -25.74 2.95 -26.12
N LYS C 215 -26.01 4.17 -25.65
CA LYS C 215 -24.99 5.06 -25.11
C LYS C 215 -25.54 5.63 -23.81
N VAL C 216 -24.71 5.61 -22.77
CA VAL C 216 -25.10 5.99 -21.42
C VAL C 216 -23.95 6.81 -20.84
N ASP C 217 -24.29 7.91 -20.19
CA ASP C 217 -23.34 8.69 -19.41
C ASP C 217 -23.74 8.60 -17.94
N LYS C 218 -22.77 8.42 -17.05
CA LYS C 218 -23.04 8.49 -15.61
C LYS C 218 -22.01 9.38 -14.92
N LYS C 219 -22.50 10.43 -14.26
CA LYS C 219 -21.65 11.29 -13.44
C LYS C 219 -21.35 10.60 -12.11
N ILE C 220 -20.09 10.68 -11.68
CA ILE C 220 -19.68 10.11 -10.40
C ILE C 220 -19.89 11.16 -9.32
N VAL C 221 -20.82 10.92 -8.40
CA VAL C 221 -21.08 11.88 -7.32
C VAL C 221 -20.83 11.24 -5.96
N PRO C 222 -20.46 12.01 -4.94
CA PRO C 222 -20.19 11.41 -3.62
C PRO C 222 -21.37 10.58 -3.13
N ARG C 223 -21.05 9.46 -2.48
CA ARG C 223 -22.07 8.51 -2.04
C ARG C 223 -22.67 8.99 -0.73
N GLN D 1 -6.63 -37.42 -19.79
CA GLN D 1 -7.32 -37.84 -18.53
C GLN D 1 -6.36 -37.81 -17.35
N ALA D 2 -5.10 -38.10 -17.64
CA ALA D 2 -4.01 -37.75 -16.75
C ALA D 2 -4.10 -36.27 -16.40
N VAL D 3 -3.43 -35.87 -15.31
CA VAL D 3 -3.25 -34.48 -14.94
C VAL D 3 -1.77 -34.14 -15.06
N VAL D 4 -1.48 -33.05 -15.75
CA VAL D 4 -0.10 -32.58 -15.92
C VAL D 4 0.08 -31.32 -15.08
N THR D 5 1.10 -31.32 -14.22
CA THR D 5 1.26 -30.28 -13.22
C THR D 5 2.55 -29.50 -13.40
N GLN D 6 2.43 -28.17 -13.36
CA GLN D 6 3.51 -27.22 -13.50
C GLN D 6 3.48 -26.24 -12.33
N GLU D 7 4.64 -25.61 -12.06
CA GLU D 7 4.65 -24.48 -11.13
C GLU D 7 3.70 -23.40 -11.64
N SER D 8 2.91 -22.81 -10.73
CA SER D 8 1.99 -21.78 -11.21
C SER D 8 2.73 -20.54 -11.70
N ALA D 9 3.84 -20.18 -11.05
CA ALA D 9 4.56 -18.97 -11.42
C ALA D 9 5.97 -19.04 -10.85
N LEU D 10 6.92 -18.51 -11.60
CA LEU D 10 8.32 -18.41 -11.22
C LEU D 10 8.85 -17.05 -11.63
N THR D 11 9.81 -16.54 -10.88
CA THR D 11 10.40 -15.24 -11.13
C THR D 11 11.92 -15.40 -11.17
N THR D 12 12.55 -14.77 -12.16
CA THR D 12 14.00 -14.75 -12.28
C THR D 12 14.41 -13.35 -12.74
N SER D 13 15.71 -13.10 -12.85
CA SER D 13 16.21 -11.80 -13.30
C SER D 13 16.97 -11.95 -14.61
N PRO D 14 17.12 -10.86 -15.37
CA PRO D 14 17.84 -10.94 -16.65
C PRO D 14 19.23 -11.52 -16.45
N GLY D 15 19.59 -12.47 -17.31
CA GLY D 15 20.89 -13.11 -17.24
C GLY D 15 20.99 -14.30 -16.31
N GLU D 16 19.98 -14.54 -15.47
CA GLU D 16 20.01 -15.71 -14.60
C GLU D 16 19.55 -16.96 -15.35
N THR D 17 19.66 -18.09 -14.67
CA THR D 17 19.22 -19.38 -15.17
C THR D 17 18.01 -19.84 -14.38
N VAL D 18 17.00 -20.33 -15.08
CA VAL D 18 15.75 -20.72 -14.45
C VAL D 18 15.25 -22.01 -15.09
N THR D 19 14.69 -22.88 -14.27
CA THR D 19 14.18 -24.18 -14.70
C THR D 19 12.72 -24.33 -14.32
N LEU D 20 11.91 -24.65 -15.33
CA LEU D 20 10.50 -24.95 -15.21
C LEU D 20 10.32 -26.45 -15.25
N THR D 21 9.38 -26.99 -14.48
CA THR D 21 9.18 -28.42 -14.51
C THR D 21 7.74 -28.83 -14.77
N CYS D 22 7.60 -30.12 -15.06
CA CYS D 22 6.39 -30.70 -15.64
C CYS D 22 6.26 -32.11 -15.12
N ARG D 23 5.18 -32.37 -14.38
CA ARG D 23 4.96 -33.62 -13.68
C ARG D 23 3.72 -34.31 -14.22
N SER D 24 3.78 -35.64 -14.29
CA SER D 24 2.70 -36.49 -14.71
C SER D 24 2.01 -37.17 -13.53
N SER D 25 0.67 -37.17 -13.56
CA SER D 25 -0.10 -37.89 -12.56
C SER D 25 -0.02 -39.39 -12.71
N THR D 26 0.52 -39.91 -13.82
CA THR D 26 0.52 -41.35 -14.03
C THR D 26 1.78 -42.04 -13.49
N GLY D 27 2.80 -41.29 -13.15
CA GLY D 27 4.09 -41.85 -12.79
C GLY D 27 5.20 -40.94 -13.28
N ALA D 28 6.40 -41.46 -13.35
CA ALA D 28 7.51 -40.66 -13.85
C ALA D 28 7.24 -40.26 -15.30
N VAL D 29 7.70 -39.07 -15.67
CA VAL D 29 7.74 -38.68 -17.08
C VAL D 29 8.86 -39.44 -17.77
N THR D 30 8.55 -40.01 -18.94
CA THR D 30 9.53 -40.75 -19.72
C THR D 30 9.69 -40.10 -21.08
N THR D 31 10.69 -40.56 -21.83
CA THR D 31 10.83 -40.03 -23.18
C THR D 31 9.64 -40.39 -24.05
N SER D 32 8.90 -41.45 -23.71
CA SER D 32 7.71 -41.79 -24.48
C SER D 32 6.50 -40.89 -24.19
N ASN D 33 6.61 -39.93 -23.28
CA ASN D 33 5.63 -38.85 -23.18
C ASN D 33 5.96 -37.69 -24.11
N TYR D 34 7.14 -37.71 -24.73
CA TYR D 34 7.52 -36.75 -25.78
C TYR D 34 7.25 -35.29 -25.37
N ALA D 35 7.74 -34.95 -24.17
CA ALA D 35 7.43 -33.66 -23.55
C ALA D 35 7.69 -32.51 -24.51
N ASN D 36 6.69 -31.65 -24.63
CA ASN D 36 6.68 -30.47 -25.45
C ASN D 36 6.54 -29.24 -24.57
N TRP D 37 7.11 -28.13 -25.02
CA TRP D 37 7.01 -26.83 -24.35
C TRP D 37 6.58 -25.79 -25.37
N VAL D 38 5.51 -25.05 -25.03
CA VAL D 38 4.95 -23.97 -25.83
C VAL D 38 4.94 -22.68 -25.03
N GLN D 39 5.38 -21.60 -25.66
CA GLN D 39 5.43 -20.29 -25.05
C GLN D 39 4.24 -19.44 -25.49
N GLU D 40 3.53 -18.84 -24.54
CA GLU D 40 2.44 -17.91 -24.82
C GLU D 40 2.90 -16.49 -24.45
N LYS D 41 2.91 -15.59 -25.43
CA LYS D 41 3.12 -14.16 -25.21
C LYS D 41 1.85 -13.37 -25.48
N PRO D 42 1.77 -12.12 -24.99
CA PRO D 42 0.49 -11.40 -25.02
C PRO D 42 -0.06 -11.22 -26.43
N ASP D 43 -1.39 -11.05 -26.48
CA ASP D 43 -2.16 -11.08 -27.71
C ASP D 43 -2.20 -12.49 -28.30
N HIS D 44 -2.24 -13.49 -27.42
CA HIS D 44 -2.48 -14.90 -27.79
C HIS D 44 -1.50 -15.37 -28.87
N LEU D 45 -0.21 -15.14 -28.63
CA LEU D 45 0.84 -15.52 -29.57
C LEU D 45 1.54 -16.75 -29.01
N PHE D 46 1.34 -17.91 -29.66
CA PHE D 46 1.88 -19.18 -29.20
C PHE D 46 3.02 -19.61 -30.12
N THR D 47 4.11 -20.08 -29.52
CA THR D 47 5.27 -20.57 -30.25
C THR D 47 5.82 -21.83 -29.58
N GLY D 48 6.09 -22.86 -30.38
CA GLY D 48 6.70 -24.06 -29.84
C GLY D 48 8.19 -23.87 -29.62
N LEU D 49 8.70 -24.34 -28.49
CA LEU D 49 10.10 -24.15 -28.11
C LEU D 49 10.92 -25.42 -28.05
N ILE D 50 10.42 -26.45 -27.38
CA ILE D 50 11.13 -27.71 -27.17
C ILE D 50 10.17 -28.85 -27.50
N GLY D 51 10.67 -29.88 -28.17
CA GLY D 51 9.90 -31.07 -28.43
C GLY D 51 10.71 -32.33 -28.20
N GLY D 52 9.99 -33.42 -27.97
CA GLY D 52 10.69 -34.69 -27.79
C GLY D 52 11.64 -34.66 -26.61
N THR D 53 11.21 -34.02 -25.51
CA THR D 53 11.94 -33.85 -24.26
C THR D 53 13.07 -32.83 -24.35
N ASN D 54 13.95 -32.94 -25.35
CA ASN D 54 15.14 -32.10 -25.32
C ASN D 54 15.58 -31.60 -26.69
N ASN D 55 14.68 -31.55 -27.68
CA ASN D 55 15.01 -31.02 -28.98
C ASN D 55 14.50 -29.60 -29.13
N ARG D 56 15.40 -28.69 -29.48
CA ARG D 56 15.02 -27.32 -29.69
C ARG D 56 14.33 -27.22 -31.04
N ALA D 57 13.23 -26.47 -31.08
CA ALA D 57 12.57 -26.22 -32.35
C ALA D 57 13.51 -25.43 -33.26
N PRO D 58 13.39 -25.61 -34.57
CA PRO D 58 14.20 -24.78 -35.49
C PRO D 58 14.09 -23.29 -35.16
N GLY D 59 15.25 -22.62 -35.13
CA GLY D 59 15.30 -21.18 -34.98
C GLY D 59 15.13 -20.67 -33.57
N VAL D 60 14.88 -21.55 -32.61
CA VAL D 60 14.69 -21.16 -31.21
C VAL D 60 16.05 -20.88 -30.56
N PRO D 61 16.20 -19.79 -29.81
CA PRO D 61 17.50 -19.45 -29.23
C PRO D 61 18.08 -20.57 -28.36
N ALA D 62 19.42 -20.64 -28.39
CA ALA D 62 20.15 -21.70 -27.69
C ALA D 62 20.03 -21.61 -26.17
N ARG D 63 19.60 -20.48 -25.63
CA ARG D 63 19.40 -20.38 -24.16
C ARG D 63 18.26 -21.26 -23.67
N PHE D 64 17.38 -21.75 -24.56
CA PHE D 64 16.36 -22.71 -24.18
C PHE D 64 16.86 -24.14 -24.34
N SER D 65 16.66 -24.96 -23.32
CA SER D 65 16.97 -26.38 -23.39
C SER D 65 15.97 -27.18 -22.58
N GLY D 66 15.90 -28.48 -22.87
CA GLY D 66 15.00 -29.36 -22.16
C GLY D 66 15.71 -30.62 -21.69
N SER D 67 15.12 -31.25 -20.68
CA SER D 67 15.68 -32.49 -20.14
C SER D 67 14.66 -33.20 -19.26
N LEU D 68 15.00 -34.42 -18.86
CA LEU D 68 14.30 -35.10 -17.77
C LEU D 68 15.14 -34.97 -16.49
N ILE D 69 14.51 -34.52 -15.43
CA ILE D 69 15.16 -34.36 -14.12
C ILE D 69 14.33 -35.15 -13.13
N GLY D 70 14.90 -36.22 -12.59
CA GLY D 70 14.13 -37.08 -11.72
C GLY D 70 12.96 -37.67 -12.47
N ASP D 71 11.77 -37.55 -11.88
CA ASP D 71 10.57 -38.08 -12.48
C ASP D 71 9.80 -37.04 -13.29
N LYS D 72 10.41 -35.89 -13.57
CA LYS D 72 9.75 -34.75 -14.22
C LYS D 72 10.48 -34.38 -15.52
N ALA D 73 9.73 -33.77 -16.45
CA ALA D 73 10.36 -33.06 -17.56
C ALA D 73 10.71 -31.63 -17.16
N ALA D 74 11.69 -31.05 -17.84
CA ALA D 74 12.18 -29.74 -17.47
C ALA D 74 12.54 -28.91 -18.67
N LEU D 75 12.28 -27.61 -18.55
CA LEU D 75 12.69 -26.57 -19.49
C LEU D 75 13.60 -25.60 -18.74
N THR D 76 14.81 -25.42 -19.25
CA THR D 76 15.78 -24.52 -18.64
C THR D 76 16.09 -23.37 -19.56
N ILE D 77 16.05 -22.17 -19.01
CA ILE D 77 16.50 -20.98 -19.72
C ILE D 77 17.81 -20.56 -19.05
N THR D 78 18.90 -20.66 -19.79
CA THR D 78 20.23 -20.33 -19.30
C THR D 78 20.54 -18.94 -19.83
N GLY D 79 20.43 -17.94 -18.96
CA GLY D 79 20.60 -16.57 -19.39
C GLY D 79 19.31 -15.94 -19.87
N ALA D 80 18.33 -15.89 -18.97
CA ALA D 80 17.00 -15.37 -19.34
C ALA D 80 17.07 -13.93 -19.83
N GLN D 81 16.23 -13.63 -20.81
CA GLN D 81 16.06 -12.29 -21.37
C GLN D 81 14.69 -11.75 -20.99
N THR D 82 14.57 -10.43 -21.00
CA THR D 82 13.29 -9.81 -20.63
C THR D 82 12.18 -10.26 -21.56
N GLU D 83 12.50 -10.50 -22.83
CA GLU D 83 11.46 -10.96 -23.75
C GLU D 83 11.00 -12.39 -23.47
N ASP D 84 11.64 -13.11 -22.56
CA ASP D 84 11.20 -14.45 -22.18
C ASP D 84 10.08 -14.43 -21.13
N GLU D 85 9.70 -13.27 -20.63
CA GLU D 85 8.54 -13.16 -19.76
C GLU D 85 7.30 -13.59 -20.54
N ALA D 86 6.64 -14.64 -20.08
CA ALA D 86 5.60 -15.31 -20.85
C ALA D 86 5.04 -16.43 -19.99
N ILE D 87 3.98 -17.07 -20.49
CA ILE D 87 3.43 -18.28 -19.89
C ILE D 87 3.93 -19.46 -20.71
N TYR D 88 4.48 -20.47 -20.01
CA TYR D 88 5.03 -21.68 -20.62
C TYR D 88 4.16 -22.87 -20.29
N PHE D 89 3.67 -23.55 -21.33
CA PHE D 89 2.88 -24.76 -21.18
C PHE D 89 3.73 -25.97 -21.56
N CYS D 90 3.71 -26.99 -20.72
CA CYS D 90 4.22 -28.29 -21.12
C CYS D 90 3.05 -29.17 -21.56
N ALA D 91 3.36 -30.15 -22.41
CA ALA D 91 2.37 -31.10 -22.90
C ALA D 91 3.00 -32.49 -22.98
N LEU D 92 2.28 -33.48 -22.46
CA LEU D 92 2.72 -34.87 -22.41
C LEU D 92 1.77 -35.75 -23.21
N TRP D 93 2.35 -36.73 -23.91
CA TRP D 93 1.62 -37.67 -24.75
C TRP D 93 1.34 -38.96 -24.00
N TYR D 94 0.08 -39.39 -24.03
CA TYR D 94 -0.36 -40.62 -23.36
C TYR D 94 -0.97 -41.57 -24.39
N SER D 95 -0.10 -42.13 -25.23
CA SER D 95 -0.41 -43.12 -26.27
C SER D 95 -1.35 -42.68 -27.39
N ASN D 96 -2.43 -42.00 -27.05
CA ASN D 96 -3.40 -41.62 -28.08
C ASN D 96 -4.03 -40.26 -27.79
N HIS D 97 -3.53 -39.50 -26.81
CA HIS D 97 -3.94 -38.10 -26.72
C HIS D 97 -2.88 -37.31 -25.97
N LEU D 98 -2.92 -36.00 -26.17
CA LEU D 98 -1.97 -35.06 -25.57
C LEU D 98 -2.67 -34.30 -24.45
N VAL D 99 -1.97 -34.10 -23.34
CA VAL D 99 -2.49 -33.34 -22.20
C VAL D 99 -1.55 -32.20 -21.87
N PHE D 100 -2.08 -30.97 -21.91
CA PHE D 100 -1.35 -29.79 -21.45
C PHE D 100 -1.37 -29.65 -19.93
N GLY D 101 -0.24 -29.22 -19.39
CA GLY D 101 -0.20 -28.74 -18.03
C GLY D 101 -0.90 -27.39 -17.92
N GLY D 102 -1.03 -26.93 -16.68
CA GLY D 102 -1.71 -25.68 -16.42
C GLY D 102 -0.94 -24.42 -16.76
N GLY D 103 0.33 -24.54 -17.10
CA GLY D 103 1.13 -23.37 -17.46
C GLY D 103 1.84 -22.76 -16.27
N THR D 104 3.03 -22.21 -16.55
CA THR D 104 3.80 -21.44 -15.58
C THR D 104 3.97 -20.02 -16.08
N LYS D 105 3.56 -19.05 -15.27
CA LYS D 105 3.86 -17.65 -15.57
C LYS D 105 5.30 -17.38 -15.15
N LEU D 106 6.17 -17.19 -16.13
CA LEU D 106 7.55 -16.77 -15.88
C LEU D 106 7.68 -15.26 -15.99
N THR D 107 8.13 -14.64 -14.90
CA THR D 107 8.48 -13.24 -14.91
C THR D 107 9.99 -13.13 -15.02
N VAL D 108 10.47 -12.30 -15.93
CA VAL D 108 11.90 -11.94 -16.01
C VAL D 108 11.98 -10.45 -15.72
N LEU D 109 12.54 -10.12 -14.56
CA LEU D 109 12.35 -8.78 -14.00
C LEU D 109 12.98 -7.71 -14.86
N GLY D 110 12.19 -7.05 -15.71
CA GLY D 110 12.65 -5.94 -16.51
C GLY D 110 12.49 -4.62 -15.80
N GLN D 111 11.84 -4.64 -14.65
CA GLN D 111 11.65 -3.47 -13.83
C GLN D 111 11.52 -3.96 -12.41
N PRO D 112 11.64 -3.08 -11.42
CA PRO D 112 11.53 -3.50 -10.03
C PRO D 112 10.16 -4.10 -9.78
N LYS D 113 10.09 -4.97 -8.78
CA LYS D 113 8.80 -5.37 -8.25
C LYS D 113 8.00 -4.16 -7.79
N SER D 114 6.68 -4.23 -7.96
CA SER D 114 5.79 -3.12 -7.66
C SER D 114 4.55 -3.70 -6.99
N SER D 115 4.23 -3.24 -5.78
CA SER D 115 3.10 -3.70 -5.01
C SER D 115 1.81 -3.12 -5.58
N PRO D 116 0.68 -3.82 -5.42
CA PRO D 116 -0.56 -3.37 -6.06
C PRO D 116 -1.19 -2.17 -5.38
N SER D 117 -1.76 -1.29 -6.23
CA SER D 117 -2.69 -0.26 -5.80
C SER D 117 -4.09 -0.86 -5.80
N VAL D 118 -4.71 -0.93 -4.63
CA VAL D 118 -6.00 -1.62 -4.45
C VAL D 118 -7.04 -0.61 -4.04
N THR D 119 -8.21 -0.67 -4.70
CA THR D 119 -9.32 0.21 -4.39
C THR D 119 -10.60 -0.62 -4.29
N LEU D 120 -11.33 -0.43 -3.20
CA LEU D 120 -12.56 -1.18 -2.95
C LEU D 120 -13.75 -0.24 -3.02
N PHE D 121 -14.75 -0.61 -3.82
CA PHE D 121 -15.94 0.19 -4.00
C PHE D 121 -17.18 -0.50 -3.43
N PRO D 122 -18.02 0.23 -2.69
CA PRO D 122 -19.31 -0.32 -2.27
C PRO D 122 -20.30 -0.36 -3.42
N PRO D 123 -21.41 -1.09 -3.28
CA PRO D 123 -22.44 -1.06 -4.32
C PRO D 123 -23.07 0.31 -4.42
N SER D 124 -23.49 0.67 -5.64
CA SER D 124 -24.16 1.95 -5.81
C SER D 124 -25.60 1.87 -5.32
N SER D 125 -26.13 3.01 -4.91
CA SER D 125 -27.54 3.09 -4.53
C SER D 125 -28.44 2.63 -5.67
N GLU D 126 -28.12 3.00 -6.90
CA GLU D 126 -28.96 2.62 -8.03
C GLU D 126 -29.04 1.11 -8.18
N GLU D 127 -27.91 0.42 -8.04
CA GLU D 127 -27.95 -1.02 -8.19
C GLU D 127 -28.82 -1.66 -7.12
N LEU D 128 -28.79 -1.11 -5.90
CA LEU D 128 -29.56 -1.72 -4.83
C LEU D 128 -31.06 -1.73 -5.14
N GLU D 129 -31.55 -0.77 -5.93
CA GLU D 129 -32.97 -0.75 -6.30
C GLU D 129 -33.38 -1.93 -7.17
N THR D 130 -32.44 -2.62 -7.80
CA THR D 130 -32.72 -3.86 -8.51
C THR D 130 -32.60 -5.08 -7.61
N ASN D 131 -32.42 -4.86 -6.30
CA ASN D 131 -32.28 -5.90 -5.28
C ASN D 131 -30.99 -6.70 -5.46
N LYS D 132 -29.98 -6.06 -6.05
CA LYS D 132 -28.65 -6.62 -6.24
C LYS D 132 -27.58 -5.67 -5.70
N ALA D 133 -26.41 -6.23 -5.40
CA ALA D 133 -25.32 -5.45 -4.84
C ALA D 133 -24.00 -6.04 -5.31
N THR D 134 -23.22 -5.25 -6.05
CA THR D 134 -21.91 -5.70 -6.51
C THR D 134 -20.85 -4.80 -5.90
N LEU D 135 -19.89 -5.39 -5.20
CA LEU D 135 -18.67 -4.68 -4.81
C LEU D 135 -17.58 -4.95 -5.83
N VAL D 136 -16.76 -3.94 -6.05
CA VAL D 136 -15.68 -4.01 -7.05
C VAL D 136 -14.37 -3.67 -6.36
N CYS D 137 -13.36 -4.48 -6.62
CA CYS D 137 -12.01 -4.26 -6.13
C CYS D 137 -11.10 -4.15 -7.34
N THR D 138 -10.51 -2.96 -7.55
CA THR D 138 -9.60 -2.78 -8.67
C THR D 138 -8.17 -2.85 -8.15
N ILE D 139 -7.28 -3.36 -8.98
CA ILE D 139 -5.94 -3.75 -8.57
C ILE D 139 -5.02 -3.35 -9.70
N THR D 140 -4.16 -2.37 -9.47
CA THR D 140 -3.34 -1.86 -10.56
C THR D 140 -1.88 -1.76 -10.14
N ASP D 141 -1.03 -1.61 -11.18
CA ASP D 141 0.39 -1.28 -11.04
C ASP D 141 1.15 -2.32 -10.20
N PHE D 142 0.89 -3.59 -10.42
CA PHE D 142 1.65 -4.63 -9.74
C PHE D 142 2.53 -5.40 -10.73
N TYR D 143 3.67 -5.84 -10.22
CA TYR D 143 4.66 -6.56 -10.98
C TYR D 143 5.51 -7.34 -9.99
N PRO D 144 5.72 -8.65 -10.18
CA PRO D 144 5.23 -9.55 -11.23
C PRO D 144 3.70 -9.53 -11.39
N GLY D 145 3.21 -9.91 -12.57
CA GLY D 145 1.78 -9.95 -12.84
C GLY D 145 1.11 -11.20 -12.33
N VAL D 146 1.21 -11.43 -11.01
CA VAL D 146 0.66 -12.61 -10.36
C VAL D 146 0.09 -12.16 -9.01
N VAL D 147 -1.19 -12.40 -8.79
CA VAL D 147 -1.81 -12.08 -7.51
C VAL D 147 -2.78 -13.17 -7.11
N THR D 148 -3.05 -13.27 -5.81
CA THR D 148 -4.16 -14.01 -5.26
C THR D 148 -5.14 -13.04 -4.63
N VAL D 149 -6.43 -13.21 -4.92
CA VAL D 149 -7.45 -12.32 -4.39
C VAL D 149 -8.46 -13.11 -3.57
N ASP D 150 -8.74 -12.63 -2.37
CA ASP D 150 -9.77 -13.18 -1.50
C ASP D 150 -10.68 -12.06 -1.02
N TRP D 151 -11.93 -12.42 -0.75
CA TRP D 151 -12.93 -11.52 -0.23
C TRP D 151 -13.41 -12.08 1.10
N LYS D 152 -13.63 -11.21 2.08
CA LYS D 152 -14.22 -11.60 3.36
C LYS D 152 -15.33 -10.63 3.73
N VAL D 153 -16.42 -11.21 4.22
CA VAL D 153 -17.57 -10.47 4.72
C VAL D 153 -17.79 -10.86 6.17
N ASP D 154 -17.62 -9.91 7.07
CA ASP D 154 -17.64 -10.15 8.51
C ASP D 154 -16.80 -11.37 8.87
N GLY D 155 -15.60 -11.44 8.28
CA GLY D 155 -14.62 -12.48 8.59
C GLY D 155 -14.83 -13.79 7.89
N THR D 156 -15.85 -13.88 7.04
CA THR D 156 -16.17 -15.10 6.31
C THR D 156 -15.67 -15.00 4.89
N PRO D 157 -14.72 -15.83 4.46
CA PRO D 157 -14.28 -15.80 3.07
C PRO D 157 -15.43 -16.17 2.14
N VAL D 158 -15.49 -15.50 0.99
CA VAL D 158 -16.54 -15.76 0.01
C VAL D 158 -15.97 -16.64 -1.08
N THR D 159 -16.67 -17.73 -1.38
CA THR D 159 -16.30 -18.59 -2.49
C THR D 159 -17.27 -18.39 -3.66
N GLN D 160 -18.54 -18.71 -3.46
CA GLN D 160 -19.54 -18.54 -4.51
C GLN D 160 -19.80 -17.07 -4.74
N GLY D 161 -19.90 -16.69 -6.01
CA GLY D 161 -20.26 -15.33 -6.34
C GLY D 161 -19.12 -14.32 -6.26
N MET D 162 -17.89 -14.77 -6.46
CA MET D 162 -16.76 -13.86 -6.62
C MET D 162 -15.97 -14.33 -7.83
N GLU D 163 -15.50 -13.36 -8.60
CA GLU D 163 -14.84 -13.61 -9.88
C GLU D 163 -13.73 -12.58 -10.03
N THR D 164 -12.54 -13.03 -10.42
CA THR D 164 -11.36 -12.15 -10.56
C THR D 164 -10.80 -12.30 -11.96
N THR D 165 -10.50 -11.18 -12.62
CA THR D 165 -9.90 -11.25 -13.95
C THR D 165 -8.44 -11.69 -13.86
N GLN D 166 -7.98 -12.39 -14.89
CA GLN D 166 -6.58 -12.72 -15.00
C GLN D 166 -5.77 -11.44 -15.26
N PRO D 167 -4.58 -11.32 -14.69
CA PRO D 167 -3.83 -10.05 -14.82
C PRO D 167 -3.59 -9.70 -16.28
N SER D 168 -3.79 -8.43 -16.60
CA SER D 168 -3.54 -7.92 -17.93
C SER D 168 -2.49 -6.82 -17.88
N LYS D 169 -1.70 -6.72 -18.95
CA LYS D 169 -0.58 -5.81 -18.95
C LYS D 169 -1.05 -4.39 -19.20
N GLN D 170 -0.56 -3.46 -18.40
CA GLN D 170 -0.71 -2.03 -18.56
C GLN D 170 0.30 -1.51 -19.59
N SER D 171 0.08 -0.27 -20.05
CA SER D 171 1.01 0.34 -20.99
C SER D 171 2.41 0.49 -20.39
N ASN D 172 2.51 0.64 -19.07
CA ASN D 172 3.79 0.74 -18.37
C ASN D 172 4.38 -0.61 -18.00
N ASN D 173 3.81 -1.69 -18.53
CA ASN D 173 4.28 -3.06 -18.43
C ASN D 173 4.18 -3.62 -17.01
N LYS D 174 3.61 -2.87 -16.07
CA LYS D 174 3.01 -3.48 -14.89
C LYS D 174 1.68 -4.13 -15.29
N TYR D 175 0.98 -4.68 -14.30
CA TYR D 175 -0.23 -5.45 -14.53
C TYR D 175 -1.38 -4.94 -13.67
N MET D 176 -2.61 -5.31 -14.09
CA MET D 176 -3.83 -4.86 -13.45
C MET D 176 -4.84 -6.00 -13.51
N ALA D 177 -5.76 -5.99 -12.54
CA ALA D 177 -6.82 -6.97 -12.49
C ALA D 177 -7.98 -6.35 -11.74
N SER D 178 -9.16 -6.96 -11.88
CA SER D 178 -10.32 -6.56 -11.12
C SER D 178 -11.01 -7.79 -10.54
N SER D 179 -11.69 -7.57 -9.42
CA SER D 179 -12.42 -8.63 -8.75
C SER D 179 -13.78 -8.11 -8.32
N TYR D 180 -14.75 -9.03 -8.35
CA TYR D 180 -16.15 -8.71 -8.11
C TYR D 180 -16.72 -9.60 -7.03
N LEU D 181 -17.51 -9.00 -6.15
CA LEU D 181 -18.29 -9.76 -5.17
C LEU D 181 -19.75 -9.47 -5.44
N THR D 182 -20.50 -10.50 -5.81
CA THR D 182 -21.89 -10.38 -6.18
C THR D 182 -22.76 -10.82 -5.02
N LEU D 183 -23.59 -9.91 -4.53
CA LEU D 183 -24.47 -10.13 -3.40
C LEU D 183 -25.90 -9.78 -3.78
N THR D 184 -26.88 -10.32 -3.05
CA THR D 184 -28.19 -9.71 -3.08
C THR D 184 -28.17 -8.44 -2.25
N ALA D 185 -29.17 -7.58 -2.46
CA ALA D 185 -29.24 -6.38 -1.65
C ALA D 185 -29.50 -6.72 -0.19
N ARG D 186 -30.30 -7.75 0.08
CA ARG D 186 -30.51 -8.17 1.47
C ARG D 186 -29.22 -8.61 2.13
N ALA D 187 -28.38 -9.32 1.39
CA ALA D 187 -27.10 -9.73 1.96
C ALA D 187 -26.26 -8.51 2.32
N TRP D 188 -26.23 -7.52 1.42
CA TRP D 188 -25.53 -6.27 1.70
C TRP D 188 -26.03 -5.65 2.99
N GLU D 189 -27.36 -5.59 3.16
CA GLU D 189 -27.95 -4.95 4.32
C GLU D 189 -27.76 -5.74 5.60
N ARG D 190 -27.52 -7.05 5.53
CA ARG D 190 -27.40 -7.86 6.74
C ARG D 190 -25.96 -8.08 7.20
N HIS D 191 -24.97 -7.52 6.52
CA HIS D 191 -23.58 -7.65 6.89
C HIS D 191 -22.94 -6.29 7.02
N SER D 192 -21.82 -6.22 7.73
CA SER D 192 -21.25 -4.94 8.13
C SER D 192 -19.90 -4.63 7.51
N SER D 193 -18.93 -5.54 7.62
CA SER D 193 -17.56 -5.29 7.22
C SER D 193 -17.20 -6.11 5.98
N TYR D 194 -16.63 -5.44 4.98
CA TYR D 194 -16.33 -6.00 3.65
C TYR D 194 -14.86 -5.76 3.36
N SER D 195 -14.15 -6.81 2.93
CA SER D 195 -12.70 -6.73 2.74
C SER D 195 -12.32 -7.40 1.42
N CYS D 196 -11.53 -6.74 0.57
CA CYS D 196 -10.85 -7.44 -0.53
C CYS D 196 -9.38 -7.48 -0.15
N GLN D 197 -8.78 -8.67 -0.23
CA GLN D 197 -7.41 -8.92 0.20
C GLN D 197 -6.61 -9.41 -0.99
N VAL D 198 -5.57 -8.67 -1.36
CA VAL D 198 -4.77 -8.97 -2.53
C VAL D 198 -3.38 -9.39 -2.06
N THR D 199 -3.02 -10.63 -2.31
CA THR D 199 -1.69 -11.13 -1.98
C THR D 199 -0.80 -11.08 -3.19
N HIS D 200 0.38 -10.47 -3.01
CA HIS D 200 1.32 -10.26 -4.08
C HIS D 200 2.73 -10.44 -3.52
N GLU D 201 3.50 -11.32 -4.14
CA GLU D 201 4.89 -11.58 -3.70
C GLU D 201 4.89 -11.87 -2.20
N GLY D 202 3.93 -12.64 -1.71
CA GLY D 202 3.94 -13.12 -0.32
C GLY D 202 3.50 -12.11 0.73
N HIS D 203 3.03 -10.93 0.34
CA HIS D 203 2.51 -9.91 1.28
C HIS D 203 1.08 -9.55 0.88
N THR D 204 0.19 -9.31 1.85
CA THR D 204 -1.23 -9.07 1.55
C THR D 204 -1.62 -7.60 1.72
N VAL D 205 -2.12 -6.97 0.65
CA VAL D 205 -2.68 -5.62 0.68
C VAL D 205 -4.18 -5.76 0.83
N GLU D 206 -4.73 -5.12 1.87
CA GLU D 206 -6.13 -5.28 2.24
C GLU D 206 -6.81 -3.91 2.24
N LYS D 207 -7.97 -3.83 1.58
CA LYS D 207 -8.81 -2.65 1.66
C LYS D 207 -10.18 -3.09 2.18
N SER D 208 -10.74 -2.35 3.12
CA SER D 208 -12.04 -2.73 3.64
C SER D 208 -12.95 -1.52 3.81
N LEU D 209 -14.22 -1.82 4.03
CA LEU D 209 -15.20 -0.78 4.32
C LEU D 209 -16.29 -1.37 5.21
N SER D 210 -16.97 -0.47 5.92
CA SER D 210 -18.16 -0.83 6.69
C SER D 210 -19.39 -0.22 6.03
N ARG D 211 -20.46 -1.01 5.91
CA ARG D 211 -21.67 -0.46 5.36
C ARG D 211 -22.20 0.63 6.29
N GLU D 212 -22.59 1.76 5.70
CA GLU D 212 -23.46 2.72 6.36
C GLU D 212 -23.08 3.00 7.81
C1 MOI E . 0.28 -10.62 30.75
C2 MOI E . 2.46 -9.37 30.31
C3 MOI E . 1.49 -10.05 31.18
C4 MOI E . 1.77 -10.16 32.50
C5 MOI E . 2.98 -9.64 33.22
C6 MOI E . 4.13 -9.86 32.27
C7 MOI E . 2.80 -8.17 33.59
C8 MOI E . 2.77 -7.27 32.35
C9 MOI E . 3.90 -6.67 30.31
C10 MOI E . -0.57 -11.27 31.65
C11 MOI E . -0.24 -11.36 33.02
C12 MOI E . 0.96 -10.79 33.42
C13 MOI E . 2.90 -10.49 34.50
C14 MOI E . 3.76 -11.78 34.36
C15 MOI E . 4.00 -12.20 32.94
C16 MOI E . 4.26 -11.31 31.99
C17 MOI E . 3.80 -9.02 31.01
N1 MOI E . 3.88 -7.61 31.44
O1 MOI E . -1.11 -11.99 33.82
O2 MOI E . 3.09 -12.77 35.08
O3 MOI E . 1.49 -10.76 34.68
H1 MOI E . -0.01 -10.57 29.71
H21 MOI E . 2.00 -8.45 29.91
H22 MOI E . 2.65 -9.97 29.40
H6 MOI E . 5.10 -9.54 32.72
H71 MOI E . 3.64 -7.84 34.23
H72 MOI E . 1.89 -8.03 34.20
H81 MOI E . 1.78 -7.30 31.88
H82 MOI E . 2.90 -6.21 32.67
H91 MOI E . 4.01 -5.62 30.66
H92 MOI E . 3.02 -6.70 29.65
H93 MOI E . 4.78 -6.86 29.69
H10 MOI E . -1.51 -11.71 31.32
H13 MOI E . 3.20 -9.93 35.41
H14 MOI E . 4.76 -11.56 34.82
H15 MOI E . 3.75 -13.24 32.69
H16 MOI E . 4.55 -11.63 30.99
H17 MOI E . 4.62 -9.17 30.26
HO1 MOI E . -1.97 -11.59 33.70
HO2 MOI E . 3.41 -12.71 35.99
C ACT F . 19.04 20.98 27.90
O ACT F . 18.43 21.71 27.10
OXT ACT F . 18.75 20.89 29.12
CH3 ACT F . 20.23 20.19 27.42
H1 ACT F . 20.30 20.26 26.34
H2 ACT F . 20.13 19.15 27.71
H3 ACT F . 21.13 20.61 27.87
C ACT G . 28.03 31.83 26.90
O ACT G . 27.54 32.92 26.55
OXT ACT G . 28.80 31.16 26.19
CH3 ACT G . 27.68 31.29 28.29
H1 ACT G . 28.05 31.97 29.05
H2 ACT G . 28.14 30.31 28.42
H3 ACT G . 26.60 31.20 28.37
C ACT H . 0.41 30.00 19.42
O ACT H . -0.57 30.52 18.86
OXT ACT H . 1.53 29.93 18.92
CH3 ACT H . 0.24 29.39 20.81
H1 ACT H . -0.44 28.54 20.76
H2 ACT H . 1.21 29.06 21.19
H3 ACT H . -0.18 30.14 21.49
C ACT I . 11.01 -10.72 13.82
O ACT I . 10.18 -9.82 13.67
OXT ACT I . 12.24 -10.54 13.95
CH3 ACT I . 10.49 -12.16 13.84
H1 ACT I . 9.78 -12.27 14.66
H2 ACT I . 11.32 -12.86 13.98
H3 ACT I . 9.99 -12.38 12.90
C ACT J . -9.99 8.16 29.03
O ACT J . -10.90 8.12 28.19
OXT ACT J . -9.23 9.14 29.19
CH3 ACT J . -9.80 6.94 29.94
H1 ACT J . -10.50 6.16 29.65
H2 ACT J . -8.79 6.57 29.85
H3 ACT J . -9.99 7.23 30.97
C1 MOI K . 5.48 -37.93 -30.82
C2 MOI K . 3.03 -37.30 -30.47
C3 MOI K . 4.19 -37.67 -31.30
C4 MOI K . 4.01 -37.79 -32.65
C5 MOI K . 2.74 -37.56 -33.41
C6 MOI K . 1.64 -38.12 -32.54
C7 MOI K . 2.53 -36.08 -33.71
C8 MOI K . 2.28 -35.28 -32.44
C9 MOI K . 0.98 -35.07 -30.43
C10 MOI K . 6.51 -38.28 -31.69
C11 MOI K . 6.28 -38.39 -33.07
C12 MOI K . 5.00 -38.13 -33.53
C13 MOI K . 3.10 -38.31 -34.71
C14 MOI K . 2.57 -39.78 -34.68
C15 MOI K . 2.31 -40.34 -33.32
C16 MOI K . 1.89 -39.57 -32.31
C17 MOI K . 1.68 -37.29 -31.22
N1 MOI K . 1.26 -35.92 -31.60
O1 MOI K . 7.33 -38.74 -33.84
O2 MOI K . 3.51 -40.55 -35.36
O3 MOI K . 4.54 -38.20 -34.82
H1 MOI K . 5.70 -37.84 -29.77
H21 MOI K . 3.21 -36.31 -30.01
H22 MOI K . 2.97 -37.97 -29.58
H6 MOI K . 0.65 -38.03 -33.02
H71 MOI K . 1.65 -35.96 -34.38
H72 MOI K . 3.39 -35.68 -34.28
H81 MOI K . 3.24 -35.09 -31.92
H82 MOI K . 1.92 -34.26 -32.73
H91 MOI K . 1.63 -34.18 -30.43
H92 MOI K . 1.09 -35.57 -29.45
H93 MOI K . -0.05 -34.69 -30.48
H10 MOI K . 7.52 -38.48 -31.31
H13 MOI K . 2.72 -37.78 -35.62
H14 MOI K . 1.59 -39.79 -35.23
H15 MOI K . 2.34 -41.42 -33.21
H16 MOI K . 1.69 -39.98 -31.33
H17 MOI K . 0.90 -37.68 -30.53
HO1 MOI K . 7.21 -38.34 -34.71
HO2 MOI K . 3.22 -40.63 -36.28
C ACT L . 3.30 -18.63 -34.42
O ACT L . 3.47 -18.25 -35.60
OXT ACT L . 3.89 -19.59 -33.91
CH3 ACT L . 2.25 -17.89 -33.58
H1 ACT L . 1.78 -17.11 -34.18
H2 ACT L . 1.48 -18.59 -33.26
H3 ACT L . 2.73 -17.44 -32.72
C ACT M . 8.54 -24.29 -43.09
O ACT M . 8.25 -25.35 -43.63
OXT ACT M . 9.18 -24.21 -42.02
CH3 ACT M . 8.08 -22.99 -43.76
H1 ACT M . 8.39 -22.14 -43.14
H2 ACT M . 8.55 -22.91 -44.74
H3 ACT M . 7.01 -23.00 -43.87
C ACT N . -29.69 -24.67 -31.40
O ACT N . -29.48 -24.09 -32.49
OXT ACT N . -29.52 -25.87 -31.21
CH3 ACT N . -30.21 -23.82 -30.25
H1 ACT N . -30.34 -22.79 -30.57
H2 ACT N . -29.50 -23.85 -29.42
H3 ACT N . -31.17 -24.22 -29.91
C ACT O . -3.49 0.58 -19.27
O ACT O . -4.62 0.54 -18.74
OXT ACT O . -2.51 1.15 -18.79
CH3 ACT O . -3.31 -0.13 -20.61
H1 ACT O . -4.24 -0.59 -20.91
H2 ACT O . -2.99 0.59 -21.37
H3 ACT O . -2.55 -0.90 -20.51
C ACT P . 1.21 -14.60 -4.66
O ACT P . 1.75 -14.96 -5.71
OXT ACT P . 1.82 -14.37 -3.60
CH3 ACT P . -0.30 -14.41 -4.68
H1 ACT P . -0.79 -15.35 -4.91
H2 ACT P . -0.64 -14.06 -3.70
H3 ACT P . -0.57 -13.66 -5.44
C ACT Q . 11.19 -17.54 -28.80
O ACT Q . 10.03 -17.11 -28.83
OXT ACT Q . 12.10 -17.06 -28.10
CH3 ACT Q . 11.52 -18.74 -29.70
H1 ACT Q . 10.85 -19.57 -29.46
H2 ACT Q . 12.55 -19.05 -29.53
H3 ACT Q . 11.41 -18.46 -30.74
#